data_2KZA
#
_entry.id   2KZA
#
_entity_poly.entity_id   1
_entity_poly.type   'polypeptide(L)'
_entity_poly.pdbx_seq_one_letter_code
;KKVVRPRTPLSAPCVATRNSCKPAAAACCDPCASCYCRFFRSACYCRVLSLNC
;
_entity_poly.pdbx_strand_id   A
#
# COMPACT_ATOMS: atom_id res chain seq x y z
N CYS A 14 -11.77 -2.15 0.24
CA CYS A 14 -10.41 -2.27 -0.27
C CYS A 14 -9.39 -2.17 0.86
N VAL A 15 -8.11 -2.19 0.50
CA VAL A 15 -7.04 -2.10 1.48
C VAL A 15 -6.97 -0.70 2.09
N ALA A 16 -7.16 -0.62 3.40
CA ALA A 16 -7.12 0.66 4.10
C ALA A 16 -5.73 1.27 4.06
N THR A 17 -4.80 0.66 4.80
CA THR A 17 -3.43 1.15 4.85
C THR A 17 -2.49 0.08 5.39
N ARG A 18 -1.25 0.09 4.91
CA ARG A 18 -0.25 -0.89 5.35
C ARG A 18 -0.89 -2.26 5.54
N ASN A 19 -1.77 -2.63 4.62
CA ASN A 19 -2.45 -3.93 4.70
C ASN A 19 -1.95 -4.86 3.60
N SER A 20 -2.23 -4.51 2.36
CA SER A 20 -1.82 -5.31 1.22
C SER A 20 -1.73 -4.47 -0.04
N CYS A 21 -0.79 -4.82 -0.92
CA CYS A 21 -0.61 -4.09 -2.17
C CYS A 21 -1.32 -4.80 -3.32
N LYS A 22 -0.63 -5.74 -3.95
CA LYS A 22 -1.21 -6.49 -5.06
C LYS A 22 -2.54 -5.89 -5.51
N PRO A 23 -2.47 -4.78 -6.26
CA PRO A 23 -3.66 -4.08 -6.75
C PRO A 23 -4.39 -4.88 -7.82
N ALA A 24 -5.09 -5.94 -7.40
CA ALA A 24 -5.84 -6.78 -8.32
C ALA A 24 -6.95 -6.00 -9.01
N ALA A 25 -8.03 -5.75 -8.28
CA ALA A 25 -9.17 -5.01 -8.82
C ALA A 25 -9.48 -3.80 -7.95
N ALA A 26 -9.28 -3.94 -6.64
CA ALA A 26 -9.55 -2.85 -5.70
C ALA A 26 -9.11 -3.23 -4.29
N ALA A 27 -7.80 -3.33 -4.10
CA ALA A 27 -7.25 -3.68 -2.79
C ALA A 27 -6.03 -2.84 -2.47
N CYS A 28 -6.14 -1.54 -2.68
CA CYS A 28 -5.04 -0.62 -2.41
C CYS A 28 -5.48 0.83 -2.57
N CYS A 29 -6.76 1.09 -2.28
CA CYS A 29 -7.31 2.44 -2.39
C CYS A 29 -6.55 3.41 -1.49
N ASP A 30 -5.80 4.31 -2.11
CA ASP A 30 -5.04 5.31 -1.36
C ASP A 30 -4.28 6.23 -2.31
N PRO A 31 -4.95 7.29 -2.77
CA PRO A 31 -4.36 8.28 -3.68
C PRO A 31 -3.28 9.12 -3.01
N CYS A 32 -3.13 8.95 -1.70
CA CYS A 32 -2.14 9.70 -0.94
C CYS A 32 -1.00 8.79 -0.49
N ALA A 33 -1.09 7.52 -0.85
CA ALA A 33 -0.07 6.54 -0.49
C ALA A 33 0.50 5.85 -1.72
N SER A 34 1.35 4.85 -1.51
CA SER A 34 1.96 4.12 -2.60
C SER A 34 2.31 2.69 -2.17
N CYS A 35 2.44 1.81 -3.15
CA CYS A 35 2.77 0.41 -2.88
C CYS A 35 4.19 0.27 -2.37
N TYR A 36 4.34 0.17 -1.05
CA TYR A 36 5.65 0.04 -0.43
C TYR A 36 5.94 -1.42 -0.08
N CYS A 37 7.21 -1.81 -0.20
CA CYS A 37 7.61 -3.18 0.11
C CYS A 37 8.68 -3.19 1.20
N ARG A 38 8.80 -4.32 1.89
CA ARG A 38 9.79 -4.46 2.97
C ARG A 38 10.83 -5.51 2.61
N PHE A 39 11.68 -5.85 3.58
CA PHE A 39 12.73 -6.84 3.36
C PHE A 39 12.20 -8.02 2.55
N PHE A 40 11.14 -8.65 3.04
CA PHE A 40 10.56 -9.79 2.35
C PHE A 40 10.33 -9.49 0.87
N ARG A 41 9.77 -8.32 0.60
CA ARG A 41 9.50 -7.90 -0.77
C ARG A 41 8.48 -8.83 -1.43
N SER A 42 7.75 -9.56 -0.60
CA SER A 42 6.73 -10.49 -1.10
C SER A 42 5.35 -10.10 -0.61
N ALA A 43 5.30 -9.39 0.52
CA ALA A 43 4.03 -8.95 1.09
C ALA A 43 3.97 -7.43 1.18
N CYS A 44 3.97 -6.77 0.01
CA CYS A 44 3.91 -5.32 -0.04
C CYS A 44 2.54 -4.81 0.36
N TYR A 45 2.47 -3.55 0.78
CA TYR A 45 1.22 -2.95 1.21
C TYR A 45 1.19 -1.46 0.88
N CYS A 46 -0.01 -0.90 0.81
CA CYS A 46 -0.18 0.52 0.51
C CYS A 46 0.25 1.38 1.70
N ARG A 47 1.50 1.85 1.66
CA ARG A 47 2.03 2.68 2.72
C ARG A 47 2.17 4.13 2.27
N VAL A 48 1.72 5.06 3.12
CA VAL A 48 1.78 6.48 2.80
C VAL A 48 3.20 7.02 2.99
N LEU A 49 3.89 7.23 1.88
CA LEU A 49 5.25 7.75 1.91
C LEU A 49 5.27 9.26 1.69
N SER A 50 4.19 9.92 2.09
CA SER A 50 4.08 11.36 1.94
C SER A 50 4.22 12.07 3.28
N LEU A 51 3.57 11.52 4.30
CA LEU A 51 3.63 12.09 5.65
C LEU A 51 3.11 13.52 5.65
N ASN A 52 2.31 13.86 4.63
CA ASN A 52 1.75 15.21 4.53
C ASN A 52 0.22 15.15 4.50
N CYS A 53 -0.31 14.10 3.90
CA CYS A 53 -1.76 13.92 3.81
C CYS A 53 -2.41 13.98 5.19
N CYS A 14 -11.98 -2.34 0.41
CA CYS A 14 -10.65 -2.28 -0.19
C CYS A 14 -9.58 -2.12 0.89
N VAL A 15 -8.32 -2.18 0.47
CA VAL A 15 -7.20 -2.06 1.39
C VAL A 15 -7.07 -0.63 1.92
N ALA A 16 -7.17 -0.48 3.24
CA ALA A 16 -7.06 0.83 3.87
C ALA A 16 -5.63 1.37 3.79
N THR A 17 -4.73 0.71 4.51
CA THR A 17 -3.33 1.11 4.54
C THR A 17 -2.44 -0.01 5.06
N ARG A 18 -1.20 -0.06 4.56
CA ARG A 18 -0.26 -1.08 4.98
C ARG A 18 -0.96 -2.42 5.17
N ASN A 19 -1.86 -2.75 4.26
CA ASN A 19 -2.60 -4.00 4.32
C ASN A 19 -2.07 -5.02 3.32
N SER A 20 -2.24 -4.71 2.03
CA SER A 20 -1.78 -5.60 0.97
C SER A 20 -1.54 -4.81 -0.31
N CYS A 21 -0.51 -5.21 -1.06
CA CYS A 21 -0.18 -4.55 -2.32
C CYS A 21 -0.83 -5.26 -3.50
N LYS A 22 -0.42 -4.89 -4.70
CA LYS A 22 -0.96 -5.49 -5.91
C LYS A 22 -2.45 -5.21 -6.04
N PRO A 23 -2.80 -3.97 -6.42
CA PRO A 23 -4.18 -3.54 -6.58
C PRO A 23 -4.86 -4.20 -7.78
N ALA A 24 -5.33 -5.43 -7.59
CA ALA A 24 -6.00 -6.18 -8.66
C ALA A 24 -7.07 -5.32 -9.33
N ALA A 25 -8.00 -4.81 -8.53
CA ALA A 25 -9.08 -3.99 -9.04
C ALA A 25 -9.45 -2.88 -8.05
N ALA A 26 -9.65 -3.27 -6.80
CA ALA A 26 -10.02 -2.32 -5.76
C ALA A 26 -9.52 -2.79 -4.39
N ALA A 27 -8.21 -2.90 -4.25
CA ALA A 27 -7.61 -3.35 -3.00
C ALA A 27 -6.36 -2.52 -2.67
N CYS A 28 -6.55 -1.21 -2.51
CA CYS A 28 -5.44 -0.32 -2.19
C CYS A 28 -5.93 1.12 -2.08
N CYS A 29 -7.14 1.30 -1.58
CA CYS A 29 -7.72 2.62 -1.42
C CYS A 29 -6.78 3.54 -0.64
N ASP A 30 -6.07 4.40 -1.39
CA ASP A 30 -5.13 5.34 -0.77
C ASP A 30 -4.46 6.20 -1.82
N PRO A 31 -5.15 7.27 -2.24
CA PRO A 31 -4.64 8.20 -3.24
C PRO A 31 -3.48 9.04 -2.74
N CYS A 32 -3.18 8.90 -1.45
CA CYS A 32 -2.09 9.64 -0.83
C CYS A 32 -0.94 8.71 -0.45
N ALA A 33 -1.09 7.43 -0.79
CA ALA A 33 -0.07 6.43 -0.49
C ALA A 33 0.41 5.74 -1.76
N SER A 34 1.30 4.75 -1.58
CA SER A 34 1.84 4.01 -2.72
C SER A 34 2.26 2.61 -2.29
N CYS A 35 2.44 1.73 -3.27
CA CYS A 35 2.84 0.35 -3.00
C CYS A 35 4.27 0.31 -2.46
N TYR A 36 4.40 0.03 -1.17
CA TYR A 36 5.70 -0.04 -0.52
C TYR A 36 6.02 -1.48 -0.11
N CYS A 37 7.31 -1.83 -0.17
CA CYS A 37 7.76 -3.17 0.19
C CYS A 37 8.83 -3.11 1.28
N ARG A 38 8.99 -4.21 2.00
CA ARG A 38 9.99 -4.29 3.06
C ARG A 38 11.04 -5.34 2.76
N PHE A 39 11.90 -5.62 3.73
CA PHE A 39 12.96 -6.61 3.56
C PHE A 39 12.44 -7.84 2.84
N PHE A 40 11.42 -8.47 3.40
CA PHE A 40 10.83 -9.67 2.80
C PHE A 40 10.57 -9.45 1.31
N ARG A 41 10.04 -8.29 0.97
CA ARG A 41 9.74 -7.97 -0.42
C ARG A 41 8.70 -8.91 -0.99
N SER A 42 7.93 -9.54 -0.10
CA SER A 42 6.89 -10.48 -0.51
C SER A 42 5.53 -10.04 -0.01
N ALA A 43 5.51 -9.43 1.17
CA ALA A 43 4.27 -8.96 1.77
C ALA A 43 4.16 -7.43 1.70
N CYS A 44 4.16 -6.90 0.47
CA CYS A 44 4.08 -5.46 0.27
C CYS A 44 2.65 -4.97 0.53
N TYR A 45 2.52 -3.67 0.79
CA TYR A 45 1.21 -3.07 1.05
C TYR A 45 1.23 -1.58 0.73
N CYS A 46 0.04 -0.99 0.61
CA CYS A 46 -0.08 0.42 0.32
C CYS A 46 0.33 1.27 1.51
N ARG A 47 1.58 1.73 1.50
CA ARG A 47 2.09 2.55 2.59
C ARG A 47 2.22 4.01 2.16
N VAL A 48 1.78 4.92 3.04
CA VAL A 48 1.84 6.34 2.74
C VAL A 48 3.27 6.87 2.83
N LEU A 49 3.90 7.02 1.67
CA LEU A 49 5.27 7.52 1.61
C LEU A 49 5.30 9.03 1.39
N SER A 50 4.23 9.70 1.79
CA SER A 50 4.13 11.14 1.64
C SER A 50 4.36 11.85 2.98
N LEU A 51 3.73 11.34 4.02
CA LEU A 51 3.87 11.92 5.36
C LEU A 51 3.37 13.37 5.38
N ASN A 52 2.50 13.69 4.44
CA ASN A 52 1.93 15.04 4.35
C ASN A 52 0.42 15.01 4.45
N CYS A 53 -0.19 13.95 3.91
CA CYS A 53 -1.64 13.79 3.94
C CYS A 53 -2.11 13.39 5.34
N CYS A 14 -11.96 -1.42 0.40
CA CYS A 14 -10.66 -1.87 -0.09
C CYS A 14 -9.58 -1.69 0.97
N VAL A 15 -8.33 -1.90 0.58
CA VAL A 15 -7.20 -1.76 1.49
C VAL A 15 -7.07 -0.33 2.00
N ALA A 16 -6.96 -0.17 3.31
CA ALA A 16 -6.83 1.15 3.92
C ALA A 16 -5.39 1.64 3.86
N THR A 17 -4.50 0.94 4.55
CA THR A 17 -3.09 1.31 4.57
C THR A 17 -2.23 0.16 5.09
N ARG A 18 -1.00 0.07 4.59
CA ARG A 18 -0.08 -0.98 4.99
C ARG A 18 -0.81 -2.31 5.16
N ASN A 19 -1.75 -2.58 4.25
CA ASN A 19 -2.52 -3.82 4.31
C ASN A 19 -2.01 -4.83 3.28
N SER A 20 -2.13 -4.48 2.00
CA SER A 20 -1.69 -5.35 0.92
C SER A 20 -1.49 -4.57 -0.37
N CYS A 21 -0.50 -4.97 -1.16
CA CYS A 21 -0.22 -4.30 -2.43
C CYS A 21 -0.85 -5.05 -3.59
N LYS A 22 -0.48 -4.67 -4.81
CA LYS A 22 -1.02 -5.30 -6.01
C LYS A 22 -2.54 -5.14 -6.09
N PRO A 23 -2.99 -3.90 -6.35
CA PRO A 23 -4.41 -3.58 -6.46
C PRO A 23 -5.04 -4.19 -7.70
N ALA A 24 -5.32 -5.49 -7.64
CA ALA A 24 -5.94 -6.19 -8.77
C ALA A 24 -7.21 -5.49 -9.22
N ALA A 25 -8.28 -5.63 -8.45
CA ALA A 25 -9.55 -5.02 -8.77
C ALA A 25 -9.98 -4.03 -7.69
N ALA A 26 -9.61 -4.33 -6.44
CA ALA A 26 -9.94 -3.48 -5.32
C ALA A 26 -9.20 -3.92 -4.06
N ALA A 27 -8.02 -3.34 -3.86
CA ALA A 27 -7.20 -3.67 -2.69
C ALA A 27 -6.15 -2.60 -2.44
N CYS A 28 -6.56 -1.34 -2.55
CA CYS A 28 -5.64 -0.22 -2.34
C CYS A 28 -6.38 1.10 -2.43
N CYS A 29 -7.42 1.25 -1.62
CA CYS A 29 -8.22 2.48 -1.61
C CYS A 29 -7.48 3.61 -0.88
N ASP A 30 -6.39 4.06 -1.46
CA ASP A 30 -5.59 5.14 -0.87
C ASP A 30 -4.72 5.81 -1.92
N PRO A 31 -5.31 6.79 -2.64
CA PRO A 31 -4.61 7.53 -3.69
C PRO A 31 -3.54 8.46 -3.12
N CYS A 32 -3.49 8.56 -1.80
CA CYS A 32 -2.52 9.41 -1.12
C CYS A 32 -1.33 8.60 -0.62
N ALA A 33 -1.40 7.28 -0.82
CA ALA A 33 -0.34 6.39 -0.37
C ALA A 33 0.44 5.84 -1.56
N SER A 34 1.33 4.89 -1.29
CA SER A 34 2.15 4.29 -2.34
C SER A 34 2.53 2.86 -1.98
N CYS A 35 2.73 2.03 -3.00
CA CYS A 35 3.09 0.64 -2.79
C CYS A 35 4.51 0.52 -2.23
N TYR A 36 4.61 0.23 -0.94
CA TYR A 36 5.91 0.10 -0.28
C TYR A 36 6.16 -1.35 0.11
N CYS A 37 7.42 -1.78 0.01
CA CYS A 37 7.80 -3.14 0.35
C CYS A 37 8.82 -3.15 1.49
N ARG A 38 8.93 -4.28 2.17
CA ARG A 38 9.86 -4.42 3.27
C ARG A 38 10.94 -5.46 2.95
N PHE A 39 11.75 -5.79 3.96
CA PHE A 39 12.82 -6.77 3.78
C PHE A 39 12.34 -7.95 2.94
N PHE A 40 11.29 -8.60 3.40
CA PHE A 40 10.73 -9.75 2.70
C PHE A 40 10.57 -9.45 1.21
N ARG A 41 10.02 -8.28 0.91
CA ARG A 41 9.80 -7.87 -0.47
C ARG A 41 8.81 -8.80 -1.16
N SER A 42 8.07 -9.58 -0.37
CA SER A 42 7.10 -10.52 -0.90
C SER A 42 5.69 -10.17 -0.41
N ALA A 43 5.62 -9.34 0.63
CA ALA A 43 4.34 -8.94 1.19
C ALA A 43 4.22 -7.42 1.24
N CYS A 44 4.30 -6.78 0.08
CA CYS A 44 4.19 -5.33 0.00
C CYS A 44 2.77 -4.86 0.31
N TYR A 45 2.65 -3.60 0.70
CA TYR A 45 1.35 -3.02 1.03
C TYR A 45 1.32 -1.53 0.72
N CYS A 46 0.12 -0.99 0.58
CA CYS A 46 -0.06 0.43 0.29
C CYS A 46 0.28 1.28 1.50
N ARG A 47 1.54 1.69 1.59
CA ARG A 47 2.01 2.52 2.70
C ARG A 47 2.17 3.97 2.28
N VAL A 48 1.67 4.89 3.10
CA VAL A 48 1.75 6.31 2.81
C VAL A 48 3.16 6.83 3.06
N LEU A 49 3.95 6.91 2.00
CA LEU A 49 5.32 7.40 2.10
C LEU A 49 5.39 8.90 1.79
N SER A 50 4.28 9.59 2.03
CA SER A 50 4.22 11.03 1.78
C SER A 50 4.38 11.82 3.08
N LEU A 51 3.88 11.25 4.17
CA LEU A 51 3.97 11.89 5.48
C LEU A 51 3.32 13.27 5.46
N ASN A 52 2.41 13.48 4.51
CA ASN A 52 1.71 14.75 4.37
C ASN A 52 0.20 14.56 4.48
N CYS A 53 -0.28 13.42 3.99
CA CYS A 53 -1.71 13.11 4.03
C CYS A 53 -2.13 12.70 5.43
N CYS A 14 -11.89 -1.95 -0.18
CA CYS A 14 -10.50 -1.93 -0.61
C CYS A 14 -9.55 -1.84 0.59
N VAL A 15 -8.26 -1.77 0.31
CA VAL A 15 -7.26 -1.69 1.36
C VAL A 15 -7.11 -0.26 1.86
N ALA A 16 -7.16 -0.09 3.19
CA ALA A 16 -7.03 1.23 3.80
C ALA A 16 -5.60 1.71 3.76
N THR A 17 -4.72 1.03 4.50
CA THR A 17 -3.32 1.40 4.56
C THR A 17 -2.48 0.25 5.11
N ARG A 18 -1.24 0.14 4.62
CA ARG A 18 -0.34 -0.92 5.07
C ARG A 18 -1.09 -2.23 5.26
N ASN A 19 -2.02 -2.52 4.36
CA ASN A 19 -2.81 -3.74 4.43
C ASN A 19 -2.35 -4.74 3.37
N SER A 20 -2.18 -4.26 2.14
CA SER A 20 -1.77 -5.10 1.04
C SER A 20 -1.62 -4.29 -0.25
N CYS A 21 -0.66 -4.68 -1.08
CA CYS A 21 -0.41 -4.00 -2.34
C CYS A 21 -0.98 -4.78 -3.52
N LYS A 22 -0.48 -4.49 -4.71
CA LYS A 22 -0.94 -5.17 -5.92
C LYS A 22 -2.39 -4.82 -6.22
N PRO A 23 -2.60 -3.62 -6.80
CA PRO A 23 -3.94 -3.15 -7.15
C PRO A 23 -4.56 -3.92 -8.31
N ALA A 24 -4.88 -5.19 -8.05
CA ALA A 24 -5.48 -6.04 -9.08
C ALA A 24 -6.93 -6.38 -8.73
N ALA A 25 -7.15 -6.86 -7.51
CA ALA A 25 -8.49 -7.21 -7.06
C ALA A 25 -9.23 -6.00 -6.53
N ALA A 26 -8.59 -4.84 -6.61
CA ALA A 26 -9.19 -3.60 -6.14
C ALA A 26 -9.06 -3.46 -4.63
N ALA A 27 -7.82 -3.39 -4.15
CA ALA A 27 -7.55 -3.27 -2.73
C ALA A 27 -6.26 -2.48 -2.47
N CYS A 28 -6.38 -1.17 -2.44
CA CYS A 28 -5.23 -0.30 -2.22
C CYS A 28 -5.64 1.17 -2.23
N CYS A 29 -6.85 1.46 -1.75
CA CYS A 29 -7.36 2.82 -1.71
C CYS A 29 -6.37 3.75 -0.99
N ASP A 30 -5.60 4.49 -1.76
CA ASP A 30 -4.64 5.43 -1.20
C ASP A 30 -3.87 6.16 -2.31
N PRO A 31 -4.52 7.16 -2.91
CA PRO A 31 -3.93 7.95 -3.99
C PRO A 31 -2.80 8.85 -3.50
N CYS A 32 -2.62 8.89 -2.18
CA CYS A 32 -1.57 9.71 -1.57
C CYS A 32 -0.48 8.83 -0.96
N ALA A 33 -0.59 7.53 -1.17
CA ALA A 33 0.38 6.58 -0.63
C ALA A 33 1.19 5.95 -1.75
N SER A 34 1.97 4.92 -1.40
CA SER A 34 2.80 4.23 -2.38
C SER A 34 3.03 2.78 -1.96
N CYS A 35 3.36 1.93 -2.93
CA CYS A 35 3.61 0.52 -2.66
C CYS A 35 4.89 0.33 -1.85
N TYR A 36 4.74 0.02 -0.58
CA TYR A 36 5.88 -0.18 0.31
C TYR A 36 6.17 -1.67 0.49
N CYS A 37 7.45 -2.02 0.48
CA CYS A 37 7.87 -3.41 0.65
C CYS A 37 8.88 -3.53 1.78
N ARG A 38 8.98 -4.75 2.33
CA ARG A 38 9.91 -5.01 3.42
C ARG A 38 10.95 -6.04 3.02
N PHE A 39 11.74 -6.50 3.99
CA PHE A 39 12.78 -7.49 3.74
C PHE A 39 12.27 -8.58 2.79
N PHE A 40 11.19 -9.24 3.20
CA PHE A 40 10.60 -10.30 2.39
C PHE A 40 10.43 -9.85 0.94
N ARG A 41 9.95 -8.63 0.75
CA ARG A 41 9.74 -8.09 -0.58
C ARG A 41 8.67 -8.88 -1.33
N SER A 42 7.83 -9.59 -0.58
CA SER A 42 6.76 -10.39 -1.17
C SER A 42 5.40 -9.94 -0.65
N ALA A 43 5.37 -9.47 0.59
CA ALA A 43 4.13 -9.01 1.20
C ALA A 43 4.10 -7.49 1.32
N CYS A 44 4.08 -6.81 0.17
CA CYS A 44 4.07 -5.36 0.15
C CYS A 44 2.66 -4.83 0.44
N TYR A 45 2.59 -3.57 0.87
CA TYR A 45 1.31 -2.96 1.18
C TYR A 45 1.32 -1.47 0.84
N CYS A 46 0.14 -0.88 0.73
CA CYS A 46 0.02 0.54 0.42
C CYS A 46 0.37 1.40 1.63
N ARG A 47 1.63 1.84 1.69
CA ARG A 47 2.09 2.67 2.79
C ARG A 47 2.22 4.13 2.36
N VAL A 48 1.69 5.03 3.18
CA VAL A 48 1.75 6.46 2.89
C VAL A 48 3.11 7.04 3.26
N LEU A 49 3.98 7.21 2.26
CA LEU A 49 5.30 7.76 2.48
C LEU A 49 5.31 9.28 2.25
N SER A 50 4.16 9.90 2.45
CA SER A 50 4.04 11.34 2.26
C SER A 50 3.98 12.06 3.61
N LEU A 51 3.16 11.54 4.52
CA LEU A 51 3.01 12.14 5.84
C LEU A 51 2.48 13.56 5.75
N ASN A 52 1.90 13.90 4.60
CA ASN A 52 1.36 15.24 4.38
C ASN A 52 -0.14 15.17 4.07
N CYS A 53 -0.55 14.10 3.41
CA CYS A 53 -1.95 13.92 3.04
C CYS A 53 -2.79 13.61 4.28
N CYS A 14 -11.79 -2.18 0.26
CA CYS A 14 -10.42 -2.05 -0.22
C CYS A 14 -9.44 -2.03 0.94
N VAL A 15 -8.16 -1.83 0.62
CA VAL A 15 -7.12 -1.79 1.64
C VAL A 15 -7.00 -0.40 2.25
N ALA A 16 -7.01 -0.34 3.59
CA ALA A 16 -6.90 0.92 4.29
C ALA A 16 -5.47 1.45 4.27
N THR A 17 -4.57 0.73 4.93
CA THR A 17 -3.17 1.12 4.98
C THR A 17 -2.29 -0.04 5.42
N ARG A 18 -1.06 -0.08 4.91
CA ARG A 18 -0.12 -1.14 5.25
C ARG A 18 -0.84 -2.49 5.36
N ASN A 19 -1.76 -2.74 4.43
CA ASN A 19 -2.52 -3.99 4.43
C ASN A 19 -1.98 -4.94 3.36
N SER A 20 -2.19 -4.59 2.10
CA SER A 20 -1.74 -5.42 0.99
C SER A 20 -1.55 -4.59 -0.27
N CYS A 21 -0.57 -4.96 -1.09
CA CYS A 21 -0.29 -4.24 -2.32
C CYS A 21 -0.88 -4.99 -3.52
N LYS A 22 -0.49 -4.56 -4.72
CA LYS A 22 -0.97 -5.19 -5.95
C LYS A 22 -2.44 -4.87 -6.17
N PRO A 23 -2.72 -3.67 -6.68
CA PRO A 23 -4.09 -3.21 -6.95
C PRO A 23 -4.73 -3.96 -8.12
N ALA A 24 -5.00 -5.25 -7.91
CA ALA A 24 -5.61 -6.07 -8.95
C ALA A 24 -7.02 -6.49 -8.54
N ALA A 25 -7.16 -7.00 -7.33
CA ALA A 25 -8.46 -7.45 -6.83
C ALA A 25 -9.25 -6.29 -6.26
N ALA A 26 -8.69 -5.08 -6.36
CA ALA A 26 -9.35 -3.88 -5.86
C ALA A 26 -9.17 -3.75 -4.35
N ALA A 27 -7.93 -3.85 -3.90
CA ALA A 27 -7.64 -3.74 -2.47
C ALA A 27 -6.53 -2.71 -2.21
N CYS A 28 -6.85 -1.45 -2.47
CA CYS A 28 -5.88 -0.37 -2.27
C CYS A 28 -6.47 0.96 -2.72
N CYS A 29 -7.35 1.53 -1.91
CA CYS A 29 -7.98 2.81 -2.22
C CYS A 29 -7.32 3.95 -1.44
N ASP A 30 -6.02 4.09 -1.61
CA ASP A 30 -5.27 5.14 -0.91
C ASP A 30 -4.49 6.00 -1.90
N PRO A 31 -5.17 7.02 -2.46
CA PRO A 31 -4.57 7.93 -3.43
C PRO A 31 -3.53 8.85 -2.80
N CYS A 32 -3.43 8.79 -1.48
CA CYS A 32 -2.46 9.61 -0.75
C CYS A 32 -1.30 8.77 -0.25
N ALA A 33 -1.33 7.48 -0.55
CA ALA A 33 -0.27 6.56 -0.15
C ALA A 33 0.49 6.02 -1.34
N SER A 34 1.35 5.03 -1.10
CA SER A 34 2.13 4.42 -2.16
C SER A 34 2.50 2.98 -1.82
N CYS A 35 2.67 2.16 -2.86
CA CYS A 35 3.02 0.76 -2.66
C CYS A 35 4.43 0.62 -2.09
N TYR A 36 4.52 0.30 -0.81
CA TYR A 36 5.82 0.14 -0.15
C TYR A 36 6.08 -1.33 0.17
N CYS A 37 7.36 -1.72 0.14
CA CYS A 37 7.75 -3.08 0.43
C CYS A 37 8.81 -3.13 1.53
N ARG A 38 8.91 -4.27 2.20
CA ARG A 38 9.87 -4.44 3.28
C ARG A 38 10.89 -5.51 2.93
N PHE A 39 11.71 -5.90 3.90
CA PHE A 39 12.73 -6.92 3.69
C PHE A 39 12.19 -8.04 2.82
N PHE A 40 11.10 -8.66 3.25
CA PHE A 40 10.49 -9.75 2.50
C PHE A 40 10.31 -9.37 1.03
N ARG A 41 9.74 -8.19 0.81
CA ARG A 41 9.49 -7.71 -0.55
C ARG A 41 8.51 -8.61 -1.28
N SER A 42 7.79 -9.44 -0.52
CA SER A 42 6.82 -10.36 -1.10
C SER A 42 5.42 -10.06 -0.58
N ALA A 43 5.35 -9.30 0.51
CA ALA A 43 4.06 -8.94 1.10
C ALA A 43 3.91 -7.43 1.20
N CYS A 44 4.19 -6.74 0.10
CA CYS A 44 4.08 -5.29 0.06
C CYS A 44 2.67 -4.84 0.41
N TYR A 45 2.54 -3.57 0.79
CA TYR A 45 1.25 -3.01 1.15
C TYR A 45 1.19 -1.51 0.88
N CYS A 46 -0.01 -0.96 0.86
CA CYS A 46 -0.21 0.45 0.61
C CYS A 46 0.23 1.29 1.81
N ARG A 47 1.47 1.76 1.78
CA ARG A 47 2.01 2.57 2.88
C ARG A 47 2.21 4.02 2.43
N VAL A 48 1.77 4.95 3.26
CA VAL A 48 1.90 6.37 2.96
C VAL A 48 3.34 6.84 3.16
N LEU A 49 4.10 6.89 2.08
CA LEU A 49 5.49 7.32 2.14
C LEU A 49 5.61 8.81 1.82
N SER A 50 4.53 9.55 2.06
CA SER A 50 4.51 10.98 1.81
C SER A 50 4.71 11.76 3.10
N LEU A 51 3.98 11.36 4.14
CA LEU A 51 4.08 12.03 5.43
C LEU A 51 3.63 13.48 5.34
N ASN A 52 2.83 13.77 4.31
CA ASN A 52 2.33 15.14 4.11
C ASN A 52 0.80 15.15 4.12
N CYS A 53 0.19 14.08 3.63
CA CYS A 53 -1.26 13.98 3.59
C CYS A 53 -1.85 14.10 4.99
N CYS A 14 -11.83 -1.94 -0.13
CA CYS A 14 -10.47 -2.06 -0.61
C CYS A 14 -9.46 -1.94 0.54
N VAL A 15 -8.18 -1.98 0.21
CA VAL A 15 -7.13 -1.87 1.21
C VAL A 15 -7.09 -0.47 1.81
N ALA A 16 -7.13 -0.39 3.14
CA ALA A 16 -7.09 0.88 3.84
C ALA A 16 -5.69 1.49 3.82
N THR A 17 -4.76 0.84 4.51
CA THR A 17 -3.38 1.32 4.56
C THR A 17 -2.44 0.22 5.04
N ARG A 18 -1.24 0.20 4.49
CA ARG A 18 -0.24 -0.80 4.85
C ARG A 18 -0.89 -2.16 5.08
N ASN A 19 -1.84 -2.51 4.21
CA ASN A 19 -2.54 -3.79 4.33
C ASN A 19 -1.98 -4.80 3.34
N SER A 20 -2.19 -4.56 2.05
CA SER A 20 -1.72 -5.45 1.01
C SER A 20 -1.59 -4.73 -0.32
N CYS A 21 -0.61 -5.13 -1.13
CA CYS A 21 -0.39 -4.52 -2.43
C CYS A 21 -0.99 -5.37 -3.54
N LYS A 22 -0.66 -5.03 -4.79
CA LYS A 22 -1.16 -5.77 -5.94
C LYS A 22 -2.69 -5.70 -6.00
N PRO A 23 -3.20 -4.54 -6.42
CA PRO A 23 -4.65 -4.31 -6.55
C PRO A 23 -5.27 -5.10 -7.69
N ALA A 24 -5.52 -6.39 -7.45
CA ALA A 24 -6.11 -7.26 -8.46
C ALA A 24 -7.35 -6.62 -9.09
N ALA A 25 -8.20 -6.05 -8.24
CA ALA A 25 -9.42 -5.40 -8.71
C ALA A 25 -9.70 -4.12 -7.92
N ALA A 26 -9.46 -4.17 -6.62
CA ALA A 26 -9.68 -3.00 -5.76
C ALA A 26 -9.18 -3.27 -4.35
N ALA A 27 -7.85 -3.34 -4.20
CA ALA A 27 -7.24 -3.59 -2.90
C ALA A 27 -6.06 -2.67 -2.66
N CYS A 28 -6.27 -1.37 -2.90
CA CYS A 28 -5.22 -0.38 -2.72
C CYS A 28 -5.72 1.02 -3.06
N CYS A 29 -6.84 1.39 -2.47
CA CYS A 29 -7.44 2.70 -2.70
C CYS A 29 -6.90 3.73 -1.71
N ASP A 30 -5.82 3.38 -1.03
CA ASP A 30 -5.20 4.27 -0.05
C ASP A 30 -4.79 5.59 -0.70
N PRO A 31 -5.46 6.67 -0.30
CA PRO A 31 -5.19 8.02 -0.84
C PRO A 31 -3.84 8.55 -0.36
N CYS A 32 -3.07 9.12 -1.30
CA CYS A 32 -1.76 9.67 -0.97
C CYS A 32 -0.79 8.57 -0.56
N ALA A 33 -1.18 7.32 -0.80
CA ALA A 33 -0.34 6.18 -0.46
C ALA A 33 0.19 5.50 -1.71
N SER A 34 1.35 4.87 -1.59
CA SER A 34 1.98 4.18 -2.72
C SER A 34 2.37 2.76 -2.33
N CYS A 35 2.55 1.91 -3.34
CA CYS A 35 2.92 0.52 -3.11
C CYS A 35 4.34 0.43 -2.53
N TYR A 36 4.42 0.26 -1.23
CA TYR A 36 5.72 0.16 -0.56
C TYR A 36 5.99 -1.28 -0.10
N CYS A 37 7.26 -1.67 -0.17
CA CYS A 37 7.66 -3.01 0.23
C CYS A 37 8.68 -2.97 1.36
N ARG A 38 8.79 -4.07 2.10
CA ARG A 38 9.74 -4.15 3.21
C ARG A 38 10.83 -5.18 2.91
N PHE A 39 11.65 -5.46 3.92
CA PHE A 39 12.75 -6.42 3.76
C PHE A 39 12.28 -7.64 2.98
N PHE A 40 11.24 -8.30 3.49
CA PHE A 40 10.70 -9.49 2.84
C PHE A 40 10.49 -9.25 1.35
N ARG A 41 9.93 -8.09 1.01
CA ARG A 41 9.67 -7.74 -0.38
C ARG A 41 8.66 -8.70 -1.00
N SER A 42 7.95 -9.43 -0.15
CA SER A 42 6.95 -10.39 -0.62
C SER A 42 5.57 -10.03 -0.11
N ALA A 43 5.52 -9.15 0.89
CA ALA A 43 4.26 -8.71 1.46
C ALA A 43 4.15 -7.18 1.45
N CYS A 44 4.08 -6.60 0.26
CA CYS A 44 3.98 -5.15 0.12
C CYS A 44 2.57 -4.68 0.38
N TYR A 45 2.41 -3.38 0.59
CA TYR A 45 1.10 -2.80 0.86
C TYR A 45 1.10 -1.30 0.57
N CYS A 46 -0.10 -0.72 0.49
CA CYS A 46 -0.23 0.70 0.22
C CYS A 46 0.19 1.54 1.42
N ARG A 47 1.45 1.96 1.43
CA ARG A 47 1.97 2.75 2.53
C ARG A 47 2.22 4.20 2.07
N VAL A 48 1.79 5.15 2.89
CA VAL A 48 1.95 6.57 2.59
C VAL A 48 3.37 7.04 2.93
N LEU A 49 4.21 7.13 1.92
CA LEU A 49 5.59 7.57 2.12
C LEU A 49 5.72 9.08 1.89
N SER A 50 4.61 9.78 2.03
CA SER A 50 4.59 11.23 1.84
C SER A 50 4.76 11.96 3.17
N LEU A 51 4.31 11.32 4.24
CA LEU A 51 4.42 11.90 5.58
C LEU A 51 3.75 13.27 5.63
N ASN A 52 2.79 13.49 4.73
CA ASN A 52 2.08 14.76 4.67
C ASN A 52 0.57 14.53 4.82
N CYS A 53 0.09 13.42 4.28
CA CYS A 53 -1.32 13.09 4.34
C CYS A 53 -1.62 12.16 5.51
N CYS A 14 -11.89 -2.05 0.25
CA CYS A 14 -10.50 -2.05 -0.22
C CYS A 14 -9.54 -2.01 0.96
N VAL A 15 -8.24 -1.94 0.64
CA VAL A 15 -7.21 -1.88 1.68
C VAL A 15 -7.10 -0.48 2.27
N ALA A 16 -7.09 -0.40 3.60
CA ALA A 16 -6.99 0.88 4.29
C ALA A 16 -5.57 1.43 4.21
N THR A 17 -4.64 0.76 4.87
CA THR A 17 -3.25 1.18 4.88
C THR A 17 -2.33 0.05 5.33
N ARG A 18 -1.13 0.01 4.78
CA ARG A 18 -0.15 -1.02 5.13
C ARG A 18 -0.84 -2.37 5.31
N ASN A 19 -1.80 -2.66 4.44
CA ASN A 19 -2.53 -3.93 4.51
C ASN A 19 -1.99 -4.92 3.48
N SER A 20 -2.17 -4.60 2.20
CA SER A 20 -1.71 -5.46 1.13
C SER A 20 -1.52 -4.66 -0.17
N CYS A 21 -0.54 -5.09 -0.98
CA CYS A 21 -0.26 -4.42 -2.24
C CYS A 21 -0.88 -5.18 -3.41
N LYS A 22 -0.49 -4.80 -4.62
CA LYS A 22 -1.02 -5.44 -5.82
C LYS A 22 -2.48 -5.07 -6.05
N PRO A 23 -2.70 -3.83 -6.53
CA PRO A 23 -4.04 -3.32 -6.81
C PRO A 23 -4.70 -4.01 -7.99
N ALA A 24 -5.00 -5.29 -7.84
CA ALA A 24 -5.63 -6.07 -8.91
C ALA A 24 -6.99 -6.57 -8.49
N ALA A 25 -7.08 -7.11 -7.27
CA ALA A 25 -8.35 -7.62 -6.75
C ALA A 25 -9.19 -6.50 -6.15
N ALA A 26 -8.69 -5.28 -6.25
CA ALA A 26 -9.39 -4.12 -5.72
C ALA A 26 -9.21 -4.01 -4.21
N ALA A 27 -7.94 -3.99 -3.78
CA ALA A 27 -7.63 -3.88 -2.36
C ALA A 27 -6.52 -2.87 -2.12
N CYS A 28 -6.80 -1.60 -2.40
CA CYS A 28 -5.83 -0.53 -2.22
C CYS A 28 -6.39 0.80 -2.70
N CYS A 29 -7.18 1.45 -1.84
CA CYS A 29 -7.77 2.73 -2.18
C CYS A 29 -7.12 3.86 -1.37
N ASP A 30 -6.09 4.48 -1.95
CA ASP A 30 -5.38 5.57 -1.30
C ASP A 30 -4.47 6.30 -2.29
N PRO A 31 -5.01 7.37 -2.90
CA PRO A 31 -4.26 8.18 -3.87
C PRO A 31 -3.15 8.98 -3.23
N CYS A 32 -3.10 8.95 -1.90
CA CYS A 32 -2.08 9.68 -1.15
C CYS A 32 -0.99 8.74 -0.66
N ALA A 33 -1.16 7.46 -0.92
CA ALA A 33 -0.20 6.45 -0.50
C ALA A 33 0.51 5.83 -1.69
N SER A 34 1.39 4.87 -1.43
CA SER A 34 2.14 4.19 -2.49
C SER A 34 2.50 2.77 -2.08
N CYS A 35 2.67 1.90 -3.07
CA CYS A 35 3.02 0.51 -2.81
C CYS A 35 4.45 0.39 -2.28
N TYR A 36 4.57 0.14 -0.99
CA TYR A 36 5.88 0.00 -0.36
C TYR A 36 6.15 -1.44 0.02
N CYS A 37 7.42 -1.84 -0.03
CA CYS A 37 7.83 -3.20 0.30
C CYS A 37 8.90 -3.19 1.39
N ARG A 38 9.00 -4.30 2.12
CA ARG A 38 9.98 -4.42 3.19
C ARG A 38 10.99 -5.54 2.88
N PHE A 39 11.81 -5.88 3.86
CA PHE A 39 12.81 -6.93 3.70
C PHE A 39 12.25 -8.08 2.88
N PHE A 40 11.15 -8.65 3.34
CA PHE A 40 10.50 -9.77 2.65
C PHE A 40 10.30 -9.45 1.18
N ARG A 41 9.74 -8.28 0.90
CA ARG A 41 9.48 -7.86 -0.47
C ARG A 41 8.48 -8.78 -1.15
N SER A 42 7.78 -9.57 -0.35
CA SER A 42 6.78 -10.51 -0.87
C SER A 42 5.40 -10.20 -0.32
N ALA A 43 5.36 -9.34 0.71
CA ALA A 43 4.09 -8.96 1.33
C ALA A 43 3.93 -7.44 1.34
N CYS A 44 4.23 -6.81 0.22
CA CYS A 44 4.12 -5.36 0.11
C CYS A 44 2.72 -4.89 0.47
N TYR A 45 2.59 -3.61 0.81
CA TYR A 45 1.31 -3.04 1.18
C TYR A 45 1.26 -1.55 0.84
N CYS A 46 0.05 -0.99 0.83
CA CYS A 46 -0.14 0.42 0.53
C CYS A 46 0.33 1.29 1.69
N ARG A 47 1.58 1.73 1.64
CA ARG A 47 2.15 2.57 2.68
C ARG A 47 2.30 4.01 2.21
N VAL A 48 1.87 4.95 3.04
CA VAL A 48 1.95 6.37 2.71
C VAL A 48 3.36 6.90 2.94
N LEU A 49 4.11 7.05 1.85
CA LEU A 49 5.48 7.56 1.94
C LEU A 49 5.52 9.07 1.69
N SER A 50 4.41 9.74 1.99
CA SER A 50 4.31 11.18 1.79
C SER A 50 4.49 11.92 3.11
N LEU A 51 3.86 11.40 4.16
CA LEU A 51 3.95 12.01 5.48
C LEU A 51 3.39 13.43 5.46
N ASN A 52 2.56 13.73 4.47
CA ASN A 52 1.97 15.05 4.34
C ASN A 52 0.44 14.97 4.36
N CYS A 53 -0.09 13.88 3.83
CA CYS A 53 -1.54 13.67 3.80
C CYS A 53 -2.06 13.30 5.18
N CYS A 14 -11.75 -2.02 0.39
CA CYS A 14 -10.38 -1.94 -0.12
C CYS A 14 -9.37 -1.90 1.01
N VAL A 15 -8.10 -1.73 0.67
CA VAL A 15 -7.04 -1.68 1.67
C VAL A 15 -6.91 -0.27 2.25
N ALA A 16 -6.88 -0.17 3.58
CA ALA A 16 -6.75 1.10 4.25
C ALA A 16 -5.31 1.62 4.18
N THR A 17 -4.41 0.91 4.86
CA THR A 17 -3.00 1.29 4.88
C THR A 17 -2.13 0.14 5.35
N ARG A 18 -0.91 0.07 4.81
CA ARG A 18 0.02 -0.99 5.17
C ARG A 18 -0.70 -2.33 5.33
N ASN A 19 -1.66 -2.58 4.43
CA ASN A 19 -2.42 -3.82 4.48
C ASN A 19 -1.94 -4.80 3.40
N SER A 20 -2.13 -4.41 2.14
CA SER A 20 -1.71 -5.25 1.02
C SER A 20 -1.63 -4.43 -0.27
N CYS A 21 -0.69 -4.79 -1.13
CA CYS A 21 -0.51 -4.08 -2.40
C CYS A 21 -1.10 -4.89 -3.55
N LYS A 22 -0.65 -4.60 -4.76
CA LYS A 22 -1.13 -5.30 -5.95
C LYS A 22 -2.63 -5.07 -6.14
N PRO A 23 -2.98 -3.90 -6.70
CA PRO A 23 -4.38 -3.53 -6.94
C PRO A 23 -5.00 -4.36 -8.06
N ALA A 24 -5.21 -5.65 -7.80
CA ALA A 24 -5.80 -6.55 -8.78
C ALA A 24 -7.21 -6.96 -8.36
N ALA A 25 -7.37 -7.31 -7.09
CA ALA A 25 -8.67 -7.72 -6.57
C ALA A 25 -9.44 -6.54 -6.00
N ALA A 26 -8.87 -5.35 -6.14
CA ALA A 26 -9.50 -4.13 -5.65
C ALA A 26 -9.28 -3.97 -4.15
N ALA A 27 -8.01 -3.93 -3.75
CA ALA A 27 -7.67 -3.77 -2.33
C ALA A 27 -6.56 -2.76 -2.15
N CYS A 28 -6.86 -1.49 -2.45
CA CYS A 28 -5.87 -0.42 -2.32
C CYS A 28 -6.45 0.90 -2.82
N CYS A 29 -7.22 1.57 -1.96
CA CYS A 29 -7.83 2.85 -2.33
C CYS A 29 -7.14 4.00 -1.59
N ASP A 30 -5.88 4.22 -1.92
CA ASP A 30 -5.11 5.30 -1.29
C ASP A 30 -4.27 6.05 -2.33
N PRO A 31 -4.88 7.07 -2.94
CA PRO A 31 -4.21 7.88 -3.96
C PRO A 31 -3.11 8.76 -3.38
N CYS A 32 -3.01 8.76 -2.05
CA CYS A 32 -1.99 9.56 -1.37
C CYS A 32 -0.89 8.67 -0.81
N ALA A 33 -1.01 7.37 -1.04
CA ALA A 33 -0.03 6.40 -0.57
C ALA A 33 0.83 5.89 -1.72
N SER A 34 1.61 4.84 -1.45
CA SER A 34 2.47 4.25 -2.46
C SER A 34 2.82 2.82 -2.10
N CYS A 35 2.99 1.98 -3.12
CA CYS A 35 3.32 0.58 -2.92
C CYS A 35 4.70 0.43 -2.28
N TYR A 36 4.71 0.09 -0.99
CA TYR A 36 5.97 -0.08 -0.26
C TYR A 36 6.21 -1.54 0.08
N CYS A 37 7.49 -1.94 0.11
CA CYS A 37 7.86 -3.31 0.42
C CYS A 37 8.83 -3.36 1.59
N ARG A 38 8.85 -4.49 2.28
CA ARG A 38 9.73 -4.67 3.43
C ARG A 38 10.76 -5.76 3.16
N PHE A 39 11.50 -6.15 4.20
CA PHE A 39 12.52 -7.18 4.08
C PHE A 39 12.03 -8.32 3.18
N PHE A 40 10.89 -8.90 3.55
CA PHE A 40 10.32 -10.00 2.78
C PHE A 40 10.29 -9.66 1.29
N ARG A 41 9.82 -8.47 0.97
CA ARG A 41 9.73 -8.03 -0.42
C ARG A 41 8.76 -8.90 -1.21
N SER A 42 7.93 -9.66 -0.48
CA SER A 42 6.95 -10.54 -1.12
C SER A 42 5.55 -10.23 -0.63
N ALA A 43 5.45 -9.34 0.35
CA ALA A 43 4.16 -8.95 0.91
C ALA A 43 4.05 -7.43 1.03
N CYS A 44 4.19 -6.73 -0.09
CA CYS A 44 4.12 -5.28 -0.10
C CYS A 44 2.71 -4.81 0.25
N TYR A 45 2.61 -3.56 0.69
CA TYR A 45 1.31 -2.99 1.06
C TYR A 45 1.26 -1.49 0.75
N CYS A 46 0.06 -0.94 0.72
CA CYS A 46 -0.12 0.48 0.45
C CYS A 46 0.34 1.33 1.63
N ARG A 47 1.59 1.80 1.55
CA ARG A 47 2.16 2.63 2.62
C ARG A 47 2.36 4.06 2.14
N VAL A 48 1.94 5.02 2.97
CA VAL A 48 2.08 6.43 2.64
C VAL A 48 3.47 6.95 3.00
N LEU A 49 4.26 7.27 1.98
CA LEU A 49 5.61 7.79 2.20
C LEU A 49 5.66 9.30 1.99
N SER A 50 4.51 9.96 2.17
CA SER A 50 4.42 11.40 2.00
C SER A 50 4.41 12.11 3.35
N LEU A 51 3.71 11.51 4.31
CA LEU A 51 3.62 12.08 5.65
C LEU A 51 3.00 13.48 5.61
N ASN A 52 2.19 13.72 4.58
CA ASN A 52 1.53 15.01 4.42
C ASN A 52 0.01 14.84 4.37
N CYS A 53 -0.44 13.74 3.77
CA CYS A 53 -1.86 13.45 3.66
C CYS A 53 -2.41 12.89 4.97
N CYS A 14 -11.93 -2.66 0.32
CA CYS A 14 -10.58 -2.46 -0.19
C CYS A 14 -9.58 -2.33 0.95
N VAL A 15 -8.30 -2.21 0.61
CA VAL A 15 -7.25 -2.07 1.60
C VAL A 15 -7.17 -0.65 2.14
N ALA A 16 -7.14 -0.52 3.46
CA ALA A 16 -7.07 0.79 4.10
C ALA A 16 -5.66 1.36 4.01
N THR A 17 -4.72 0.72 4.70
CA THR A 17 -3.33 1.16 4.71
C THR A 17 -2.41 0.05 5.21
N ARG A 18 -1.19 0.03 4.68
CA ARG A 18 -0.21 -0.98 5.07
C ARG A 18 -0.88 -2.34 5.26
N ASN A 19 -1.82 -2.66 4.38
CA ASN A 19 -2.52 -3.94 4.46
C ASN A 19 -2.02 -4.90 3.38
N SER A 20 -2.12 -4.49 2.13
CA SER A 20 -1.68 -5.32 1.02
C SER A 20 -1.61 -4.51 -0.28
N CYS A 21 -0.65 -4.85 -1.14
CA CYS A 21 -0.49 -4.16 -2.41
C CYS A 21 -1.07 -4.96 -3.56
N LYS A 22 -0.66 -4.64 -4.77
CA LYS A 22 -1.15 -5.33 -5.96
C LYS A 22 -2.64 -5.09 -6.16
N PRO A 23 -2.98 -3.90 -6.69
CA PRO A 23 -4.38 -3.53 -6.95
C PRO A 23 -4.98 -4.31 -8.10
N ALA A 24 -5.18 -5.61 -7.88
CA ALA A 24 -5.76 -6.47 -8.90
C ALA A 24 -7.21 -6.84 -8.56
N ALA A 25 -7.49 -6.93 -7.27
CA ALA A 25 -8.84 -7.27 -6.81
C ALA A 25 -9.55 -6.04 -6.26
N ALA A 26 -8.90 -4.88 -6.37
CA ALA A 26 -9.49 -3.64 -5.90
C ALA A 26 -9.29 -3.48 -4.39
N ALA A 27 -8.06 -3.64 -3.93
CA ALA A 27 -7.73 -3.52 -2.52
C ALA A 27 -6.48 -2.69 -2.31
N CYS A 28 -6.65 -1.37 -2.22
CA CYS A 28 -5.52 -0.46 -2.02
C CYS A 28 -6.00 0.99 -1.97
N CYS A 29 -7.19 1.20 -1.42
CA CYS A 29 -7.76 2.53 -1.30
C CYS A 29 -6.80 3.47 -0.58
N ASP A 30 -6.08 4.27 -1.34
CA ASP A 30 -5.12 5.22 -0.77
C ASP A 30 -4.43 6.02 -1.87
N PRO A 31 -5.14 7.03 -2.40
CA PRO A 31 -4.60 7.90 -3.46
C PRO A 31 -3.48 8.81 -2.97
N CYS A 32 -3.24 8.79 -1.66
CA CYS A 32 -2.21 9.61 -1.06
C CYS A 32 -1.03 8.75 -0.61
N ALA A 33 -1.13 7.44 -0.85
CA ALA A 33 -0.07 6.51 -0.48
C ALA A 33 0.57 5.89 -1.71
N SER A 34 1.48 4.95 -1.48
CA SER A 34 2.17 4.27 -2.56
C SER A 34 2.54 2.83 -2.18
N CYS A 35 2.84 2.01 -3.18
CA CYS A 35 3.21 0.63 -2.94
C CYS A 35 4.58 0.53 -2.28
N TYR A 36 4.59 0.22 -0.98
CA TYR A 36 5.83 0.09 -0.23
C TYR A 36 6.11 -1.36 0.12
N CYS A 37 7.39 -1.71 0.18
CA CYS A 37 7.79 -3.08 0.50
C CYS A 37 8.77 -3.09 1.67
N ARG A 38 8.89 -4.24 2.33
CA ARG A 38 9.79 -4.37 3.47
C ARG A 38 10.77 -5.53 3.25
N PHE A 39 11.48 -5.90 4.32
CA PHE A 39 12.46 -6.98 4.23
C PHE A 39 11.96 -8.09 3.31
N PHE A 40 10.82 -8.68 3.65
CA PHE A 40 10.25 -9.75 2.84
C PHE A 40 10.21 -9.36 1.37
N ARG A 41 9.67 -8.19 1.08
CA ARG A 41 9.58 -7.71 -0.29
C ARG A 41 8.67 -8.61 -1.13
N SER A 42 7.87 -9.42 -0.45
CA SER A 42 6.96 -10.34 -1.12
C SER A 42 5.51 -10.01 -0.80
N ALA A 43 5.30 -9.38 0.35
CA ALA A 43 3.95 -8.99 0.77
C ALA A 43 3.84 -7.49 0.96
N CYS A 44 4.16 -6.75 -0.10
CA CYS A 44 4.09 -5.29 -0.06
C CYS A 44 2.68 -4.82 0.28
N TYR A 45 2.57 -3.56 0.68
CA TYR A 45 1.28 -2.99 1.04
C TYR A 45 1.24 -1.49 0.74
N CYS A 46 0.03 -0.95 0.66
CA CYS A 46 -0.14 0.47 0.38
C CYS A 46 0.25 1.32 1.59
N ARG A 47 1.50 1.79 1.58
CA ARG A 47 2.00 2.61 2.68
C ARG A 47 2.24 4.05 2.21
N VAL A 48 1.79 5.01 3.02
CA VAL A 48 1.95 6.41 2.69
C VAL A 48 3.40 6.87 2.88
N LEU A 49 4.13 6.95 1.77
CA LEU A 49 5.53 7.36 1.81
C LEU A 49 5.67 8.86 1.55
N SER A 50 4.59 9.60 1.82
CA SER A 50 4.59 11.04 1.61
C SER A 50 4.73 11.78 2.94
N LEU A 51 3.97 11.34 3.94
CA LEU A 51 4.00 11.97 5.26
C LEU A 51 3.56 13.42 5.19
N ASN A 52 2.84 13.77 4.13
CA ASN A 52 2.36 15.13 3.94
C ASN A 52 0.84 15.16 3.84
N CYS A 53 0.27 14.12 3.26
CA CYS A 53 -1.18 14.02 3.11
C CYS A 53 -1.82 13.33 4.31
N CYS A 14 -11.91 -2.24 0.18
CA CYS A 14 -10.54 -2.06 -0.29
C CYS A 14 -9.55 -2.09 0.86
N VAL A 15 -8.28 -1.84 0.55
CA VAL A 15 -7.24 -1.84 1.57
C VAL A 15 -7.07 -0.46 2.18
N ALA A 16 -7.14 -0.37 3.51
CA ALA A 16 -6.99 0.89 4.21
C ALA A 16 -5.57 1.42 4.11
N THR A 17 -4.65 0.73 4.78
CA THR A 17 -3.24 1.12 4.77
C THR A 17 -2.34 -0.02 5.22
N ARG A 18 -1.14 -0.08 4.66
CA ARG A 18 -0.19 -1.12 5.02
C ARG A 18 -0.90 -2.47 5.20
N ASN A 19 -1.87 -2.74 4.34
CA ASN A 19 -2.62 -3.99 4.41
C ASN A 19 -2.09 -4.99 3.40
N SER A 20 -2.26 -4.69 2.12
CA SER A 20 -1.80 -5.57 1.05
C SER A 20 -1.57 -4.79 -0.24
N CYS A 21 -0.56 -5.21 -1.00
CA CYS A 21 -0.23 -4.54 -2.26
C CYS A 21 -0.88 -5.26 -3.43
N LYS A 22 -0.45 -4.91 -4.64
CA LYS A 22 -0.99 -5.52 -5.85
C LYS A 22 -2.44 -5.08 -6.08
N PRO A 23 -2.62 -3.85 -6.57
CA PRO A 23 -3.93 -3.29 -6.85
C PRO A 23 -4.61 -3.95 -8.03
N ALA A 24 -5.03 -5.20 -7.84
CA ALA A 24 -5.69 -5.96 -8.89
C ALA A 24 -7.14 -6.29 -8.50
N ALA A 25 -7.32 -6.72 -7.26
CA ALA A 25 -8.64 -7.07 -6.76
C ALA A 25 -9.41 -5.83 -6.30
N ALA A 26 -8.78 -4.67 -6.45
CA ALA A 26 -9.40 -3.41 -6.06
C ALA A 26 -9.31 -3.20 -4.55
N ALA A 27 -8.12 -3.42 -4.00
CA ALA A 27 -7.90 -3.25 -2.56
C ALA A 27 -6.63 -2.44 -2.30
N CYS A 28 -6.77 -1.12 -2.35
CA CYS A 28 -5.63 -0.23 -2.11
C CYS A 28 -6.06 1.24 -2.20
N CYS A 29 -7.30 1.51 -1.80
CA CYS A 29 -7.84 2.86 -1.84
C CYS A 29 -6.98 3.80 -0.99
N ASP A 30 -6.09 4.53 -1.65
CA ASP A 30 -5.21 5.47 -0.96
C ASP A 30 -4.43 6.33 -1.95
N PRO A 31 -5.05 7.41 -2.43
CA PRO A 31 -4.43 8.33 -3.39
C PRO A 31 -3.28 9.13 -2.78
N CYS A 32 -3.10 8.98 -1.46
CA CYS A 32 -2.05 9.69 -0.75
C CYS A 32 -0.91 8.74 -0.40
N ALA A 33 -1.07 7.47 -0.74
CA ALA A 33 -0.06 6.46 -0.45
C ALA A 33 0.40 5.75 -1.72
N SER A 34 1.25 4.75 -1.57
CA SER A 34 1.77 4.00 -2.70
C SER A 34 2.19 2.59 -2.28
N CYS A 35 2.41 1.73 -3.26
CA CYS A 35 2.81 0.36 -3.00
C CYS A 35 4.24 0.30 -2.47
N TYR A 36 4.37 0.03 -1.17
CA TYR A 36 5.69 -0.05 -0.55
C TYR A 36 6.01 -1.49 -0.14
N CYS A 37 7.30 -1.84 -0.19
CA CYS A 37 7.73 -3.18 0.17
C CYS A 37 8.82 -3.12 1.26
N ARG A 38 8.97 -4.21 1.99
CA ARG A 38 9.97 -4.29 3.05
C ARG A 38 10.99 -5.38 2.76
N PHE A 39 11.82 -5.68 3.75
CA PHE A 39 12.84 -6.70 3.61
C PHE A 39 12.29 -7.92 2.87
N PHE A 40 11.22 -8.49 3.40
CA PHE A 40 10.60 -9.66 2.80
C PHE A 40 10.36 -9.45 1.31
N ARG A 41 9.86 -8.27 0.96
CA ARG A 41 9.59 -7.93 -0.43
C ARG A 41 8.54 -8.86 -1.03
N SER A 42 7.74 -9.47 -0.15
CA SER A 42 6.69 -10.39 -0.58
C SER A 42 5.34 -9.97 -0.04
N ALA A 43 5.34 -9.41 1.18
CA ALA A 43 4.11 -8.96 1.81
C ALA A 43 3.98 -7.44 1.72
N CYS A 44 4.15 -6.90 0.52
CA CYS A 44 4.05 -5.47 0.30
C CYS A 44 2.63 -4.98 0.57
N TYR A 45 2.49 -3.68 0.82
CA TYR A 45 1.20 -3.08 1.09
C TYR A 45 1.19 -1.59 0.78
N CYS A 46 0.00 -1.01 0.70
CA CYS A 46 -0.13 0.42 0.41
C CYS A 46 0.32 1.27 1.58
N ARG A 47 1.56 1.72 1.54
CA ARG A 47 2.12 2.54 2.61
C ARG A 47 2.22 4.01 2.18
N VAL A 48 1.81 4.91 3.06
CA VAL A 48 1.85 6.33 2.77
C VAL A 48 3.28 6.86 2.84
N LEU A 49 3.94 6.92 1.69
CA LEU A 49 5.31 7.40 1.62
C LEU A 49 5.35 8.90 1.32
N SER A 50 4.27 9.58 1.66
CA SER A 50 4.16 11.02 1.41
C SER A 50 4.52 11.81 2.67
N LEU A 51 3.98 11.37 3.81
CA LEU A 51 4.24 12.03 5.08
C LEU A 51 3.71 13.46 5.07
N ASN A 52 2.72 13.72 4.21
CA ASN A 52 2.13 15.04 4.09
C ASN A 52 0.62 14.98 4.34
N CYS A 53 0.00 13.88 3.93
CA CYS A 53 -1.43 13.70 4.11
C CYS A 53 -1.76 13.26 5.53
N CYS A 14 -11.85 -2.38 0.68
CA CYS A 14 -10.48 -2.37 0.18
C CYS A 14 -9.47 -2.23 1.32
N VAL A 15 -8.20 -2.12 0.97
CA VAL A 15 -7.14 -1.97 1.96
C VAL A 15 -7.09 -0.55 2.50
N ALA A 16 -7.01 -0.43 3.83
CA ALA A 16 -6.95 0.87 4.47
C ALA A 16 -5.55 1.45 4.41
N THR A 17 -4.60 0.80 5.09
CA THR A 17 -3.23 1.26 5.12
C THR A 17 -2.29 0.14 5.59
N ARG A 18 -1.10 0.10 5.01
CA ARG A 18 -0.11 -0.91 5.37
C ARG A 18 -0.79 -2.26 5.64
N ASN A 19 -1.74 -2.61 4.78
CA ASN A 19 -2.46 -3.87 4.93
C ASN A 19 -2.08 -4.85 3.82
N SER A 20 -2.11 -4.37 2.58
CA SER A 20 -1.77 -5.20 1.44
C SER A 20 -1.88 -4.40 0.14
N CYS A 21 -1.04 -4.75 -0.83
CA CYS A 21 -1.04 -4.07 -2.12
C CYS A 21 -1.99 -4.75 -3.10
N LYS A 22 -1.47 -5.71 -3.86
CA LYS A 22 -2.27 -6.44 -4.84
C LYS A 22 -3.32 -5.53 -5.46
N PRO A 23 -2.85 -4.43 -6.09
CA PRO A 23 -3.73 -3.46 -6.75
C PRO A 23 -4.38 -4.02 -8.00
N ALA A 24 -5.34 -4.93 -7.82
CA ALA A 24 -6.04 -5.54 -8.94
C ALA A 24 -7.51 -5.82 -8.60
N ALA A 25 -7.72 -6.42 -7.44
CA ALA A 25 -9.08 -6.74 -6.98
C ALA A 25 -9.68 -5.58 -6.21
N ALA A 26 -9.00 -4.44 -6.22
CA ALA A 26 -9.47 -3.24 -5.52
C ALA A 26 -9.18 -3.34 -4.03
N ALA A 27 -7.91 -3.51 -3.69
CA ALA A 27 -7.50 -3.61 -2.29
C ALA A 27 -6.28 -2.74 -2.02
N CYS A 28 -6.36 -1.46 -2.38
CA CYS A 28 -5.26 -0.53 -2.17
C CYS A 28 -5.75 0.91 -2.29
N CYS A 29 -7.04 1.12 -2.03
CA CYS A 29 -7.63 2.45 -2.10
C CYS A 29 -6.85 3.44 -1.24
N ASP A 30 -6.04 4.27 -1.89
CA ASP A 30 -5.24 5.26 -1.19
C ASP A 30 -4.46 6.14 -2.18
N PRO A 31 -5.13 7.18 -2.69
CA PRO A 31 -4.52 8.10 -3.65
C PRO A 31 -3.46 8.98 -3.02
N CYS A 32 -3.33 8.89 -1.70
CA CYS A 32 -2.35 9.68 -0.97
C CYS A 32 -1.19 8.81 -0.51
N ALA A 33 -1.26 7.52 -0.82
CA ALA A 33 -0.21 6.58 -0.45
C ALA A 33 0.42 5.94 -1.68
N SER A 34 1.23 4.90 -1.45
CA SER A 34 1.90 4.20 -2.54
C SER A 34 2.23 2.77 -2.13
N CYS A 35 2.32 1.89 -3.12
CA CYS A 35 2.63 0.48 -2.87
C CYS A 35 4.08 0.33 -2.42
N TYR A 36 4.28 0.22 -1.11
CA TYR A 36 5.61 0.07 -0.54
C TYR A 36 5.87 -1.39 -0.16
N CYS A 37 7.11 -1.84 -0.39
CA CYS A 37 7.48 -3.21 -0.07
C CYS A 37 8.55 -3.23 1.03
N ARG A 38 8.65 -4.36 1.72
CA ARG A 38 9.62 -4.51 2.80
C ARG A 38 10.66 -5.57 2.44
N PHE A 39 11.51 -5.92 3.41
CA PHE A 39 12.54 -6.92 3.20
C PHE A 39 12.01 -8.10 2.39
N PHE A 40 10.93 -8.70 2.86
CA PHE A 40 10.32 -9.84 2.19
C PHE A 40 10.13 -9.55 0.70
N ARG A 41 9.59 -8.37 0.39
CA ARG A 41 9.36 -7.97 -0.99
C ARG A 41 8.35 -8.88 -1.66
N SER A 42 7.61 -9.64 -0.85
CA SER A 42 6.61 -10.57 -1.36
C SER A 42 5.22 -10.21 -0.84
N ALA A 43 5.18 -9.36 0.18
CA ALA A 43 3.91 -8.94 0.76
C ALA A 43 3.86 -7.42 0.90
N CYS A 44 3.86 -6.73 -0.24
CA CYS A 44 3.81 -5.28 -0.25
C CYS A 44 2.44 -4.78 0.21
N TYR A 45 2.41 -3.54 0.70
CA TYR A 45 1.17 -2.95 1.17
C TYR A 45 1.11 -1.46 0.85
N CYS A 46 -0.09 -0.89 0.88
CA CYS A 46 -0.28 0.53 0.59
C CYS A 46 0.18 1.39 1.76
N ARG A 47 1.41 1.88 1.68
CA ARG A 47 1.97 2.72 2.74
C ARG A 47 2.10 4.17 2.27
N VAL A 48 1.68 5.09 3.13
CA VAL A 48 1.75 6.52 2.80
C VAL A 48 3.16 7.06 2.99
N LEU A 49 3.83 7.35 1.88
CA LEU A 49 5.19 7.88 1.92
C LEU A 49 5.20 9.39 1.70
N SER A 50 4.09 10.03 2.06
CA SER A 50 3.97 11.48 1.90
C SER A 50 4.10 12.19 3.25
N LEU A 51 3.45 11.63 4.25
CA LEU A 51 3.49 12.21 5.60
C LEU A 51 2.92 13.63 5.60
N ASN A 52 2.12 13.94 4.59
CA ASN A 52 1.51 15.26 4.48
C ASN A 52 -0.01 15.16 4.47
N CYS A 53 -0.53 14.08 3.89
CA CYS A 53 -1.97 13.86 3.81
C CYS A 53 -2.54 13.55 5.19
N CYS A 14 -11.79 -2.17 0.42
CA CYS A 14 -10.43 -2.02 -0.09
C CYS A 14 -9.42 -1.99 1.04
N VAL A 15 -8.15 -1.78 0.71
CA VAL A 15 -7.09 -1.73 1.70
C VAL A 15 -6.97 -0.34 2.30
N ALA A 16 -6.98 -0.27 3.63
CA ALA A 16 -6.86 1.00 4.33
C ALA A 16 -5.44 1.53 4.29
N THR A 17 -4.53 0.81 4.96
CA THR A 17 -3.13 1.20 5.00
C THR A 17 -2.25 0.05 5.46
N ARG A 18 -1.03 0.01 4.93
CA ARG A 18 -0.08 -1.05 5.28
C ARG A 18 -0.80 -2.39 5.40
N ASN A 19 -1.73 -2.65 4.50
CA ASN A 19 -2.49 -3.89 4.51
C ASN A 19 -2.01 -4.83 3.40
N SER A 20 -2.19 -4.41 2.15
CA SER A 20 -1.77 -5.22 1.01
C SER A 20 -1.71 -4.37 -0.26
N CYS A 21 -0.76 -4.69 -1.13
CA CYS A 21 -0.59 -3.97 -2.38
C CYS A 21 -1.16 -4.75 -3.55
N LYS A 22 -0.73 -4.40 -4.76
CA LYS A 22 -1.19 -5.07 -5.97
C LYS A 22 -2.68 -4.81 -6.20
N PRO A 23 -2.99 -3.63 -6.75
CA PRO A 23 -4.37 -3.23 -7.04
C PRO A 23 -4.98 -4.02 -8.19
N ALA A 24 -5.24 -5.30 -7.93
CA ALA A 24 -5.83 -6.18 -8.94
C ALA A 24 -7.20 -6.67 -8.51
N ALA A 25 -7.32 -7.07 -7.25
CA ALA A 25 -8.58 -7.56 -6.71
C ALA A 25 -9.40 -6.42 -6.11
N ALA A 26 -8.88 -5.20 -6.21
CA ALA A 26 -9.55 -4.03 -5.67
C ALA A 26 -9.33 -3.91 -4.17
N ALA A 27 -8.06 -3.85 -3.76
CA ALA A 27 -7.71 -3.73 -2.36
C ALA A 27 -6.59 -2.71 -2.16
N CYS A 28 -6.90 -1.44 -2.43
CA CYS A 28 -5.91 -0.37 -2.28
C CYS A 28 -6.49 0.96 -2.76
N CYS A 29 -7.47 1.47 -2.01
CA CYS A 29 -8.11 2.73 -2.35
C CYS A 29 -7.43 3.90 -1.63
N ASP A 30 -6.11 3.85 -1.58
CA ASP A 30 -5.34 4.90 -0.92
C ASP A 30 -4.56 5.74 -1.93
N PRO A 31 -5.24 6.72 -2.54
CA PRO A 31 -4.66 7.60 -3.54
C PRO A 31 -3.63 8.56 -2.93
N CYS A 32 -3.53 8.56 -1.60
CA CYS A 32 -2.59 9.42 -0.90
C CYS A 32 -1.40 8.62 -0.39
N ALA A 33 -1.42 7.32 -0.64
CA ALA A 33 -0.33 6.45 -0.21
C ALA A 33 0.47 5.94 -1.40
N SER A 34 1.36 4.98 -1.15
CA SER A 34 2.19 4.42 -2.20
C SER A 34 2.56 2.97 -1.88
N CYS A 35 2.80 2.18 -2.93
CA CYS A 35 3.16 0.78 -2.76
C CYS A 35 4.55 0.64 -2.13
N TYR A 36 4.57 0.27 -0.85
CA TYR A 36 5.83 0.10 -0.13
C TYR A 36 6.09 -1.37 0.19
N CYS A 37 7.35 -1.76 0.17
CA CYS A 37 7.74 -3.14 0.46
C CYS A 37 8.72 -3.19 1.63
N ARG A 38 8.78 -4.35 2.27
CA ARG A 38 9.67 -4.54 3.41
C ARG A 38 10.74 -5.59 3.10
N PHE A 39 11.50 -5.97 4.11
CA PHE A 39 12.56 -6.96 3.95
C PHE A 39 12.10 -8.10 3.02
N PHE A 40 10.99 -8.73 3.38
CA PHE A 40 10.44 -9.82 2.60
C PHE A 40 10.38 -9.46 1.12
N ARG A 41 9.86 -8.27 0.84
CA ARG A 41 9.74 -7.80 -0.54
C ARG A 41 8.79 -8.69 -1.34
N SER A 42 8.01 -9.49 -0.64
CA SER A 42 7.07 -10.40 -1.28
C SER A 42 5.64 -10.09 -0.84
N ALA A 43 5.50 -9.28 0.20
CA ALA A 43 4.19 -8.90 0.72
C ALA A 43 4.09 -7.40 0.91
N CYS A 44 4.15 -6.66 -0.19
CA CYS A 44 4.06 -5.21 -0.15
C CYS A 44 2.65 -4.76 0.22
N TYR A 45 2.54 -3.53 0.73
CA TYR A 45 1.25 -2.99 1.13
C TYR A 45 1.19 -1.49 0.85
N CYS A 46 -0.03 -0.96 0.84
CA CYS A 46 -0.24 0.46 0.58
C CYS A 46 0.20 1.31 1.77
N ARG A 47 1.44 1.78 1.72
CA ARG A 47 1.98 2.60 2.81
C ARG A 47 2.20 4.03 2.34
N VAL A 48 1.76 4.99 3.15
CA VAL A 48 1.91 6.40 2.82
C VAL A 48 3.34 6.87 3.06
N LEU A 49 4.15 6.87 2.00
CA LEU A 49 5.53 7.30 2.10
C LEU A 49 5.68 8.78 1.77
N SER A 50 4.60 9.53 1.96
CA SER A 50 4.60 10.96 1.67
C SER A 50 4.72 11.77 2.96
N LEU A 51 3.97 11.36 3.97
CA LEU A 51 3.99 12.05 5.27
C LEU A 51 3.50 13.48 5.13
N ASN A 52 2.67 13.73 4.13
CA ASN A 52 2.13 15.07 3.88
C ASN A 52 0.61 15.05 3.91
N CYS A 53 0.02 13.96 3.44
CA CYS A 53 -1.43 13.82 3.41
C CYS A 53 -2.00 13.89 4.83
N CYS A 14 -11.43 -0.07 0.25
CA CYS A 14 -10.23 -0.82 -0.10
C CYS A 14 -9.23 -0.79 1.03
N VAL A 15 -7.99 -1.20 0.74
CA VAL A 15 -6.93 -1.22 1.73
C VAL A 15 -6.71 0.16 2.33
N ALA A 16 -6.70 0.23 3.67
CA ALA A 16 -6.49 1.49 4.37
C ALA A 16 -5.04 1.93 4.29
N THR A 17 -4.16 1.17 4.94
CA THR A 17 -2.74 1.49 4.95
C THR A 17 -1.91 0.28 5.38
N ARG A 18 -0.71 0.16 4.82
CA ARG A 18 0.17 -0.95 5.14
C ARG A 18 -0.62 -2.25 5.32
N ASN A 19 -1.60 -2.46 4.45
CA ASN A 19 -2.42 -3.66 4.50
C ASN A 19 -2.06 -4.63 3.38
N SER A 20 -2.34 -4.23 2.14
CA SER A 20 -2.05 -5.05 0.98
C SER A 20 -1.71 -4.19 -0.23
N CYS A 21 -0.73 -4.65 -1.01
CA CYS A 21 -0.30 -3.92 -2.20
C CYS A 21 -0.99 -4.46 -3.44
N LYS A 22 -0.61 -5.66 -3.85
CA LYS A 22 -1.20 -6.29 -5.03
C LYS A 22 -2.70 -6.04 -5.09
N PRO A 23 -3.11 -5.11 -5.95
CA PRO A 23 -4.53 -4.75 -6.12
C PRO A 23 -5.32 -5.87 -6.80
N ALA A 24 -5.66 -6.89 -6.03
CA ALA A 24 -6.42 -8.02 -6.55
C ALA A 24 -7.67 -7.54 -7.29
N ALA A 25 -8.19 -6.39 -6.89
CA ALA A 25 -9.38 -5.83 -7.51
C ALA A 25 -9.73 -4.48 -6.88
N ALA A 26 -9.55 -4.38 -5.57
CA ALA A 26 -9.86 -3.14 -4.86
C ALA A 26 -9.29 -3.18 -3.45
N ALA A 27 -7.97 -3.36 -3.33
CA ALA A 27 -7.31 -3.41 -2.05
C ALA A 27 -6.06 -2.53 -2.03
N CYS A 28 -6.21 -1.27 -2.42
CA CYS A 28 -5.10 -0.33 -2.46
C CYS A 28 -5.56 1.04 -2.95
N CYS A 29 -6.68 1.50 -2.42
CA CYS A 29 -7.24 2.80 -2.80
C CYS A 29 -6.51 3.92 -2.06
N ASP A 30 -7.03 5.13 -2.20
CA ASP A 30 -6.44 6.30 -1.55
C ASP A 30 -5.13 6.69 -2.22
N PRO A 31 -5.13 7.84 -2.91
CA PRO A 31 -3.93 8.34 -3.61
C PRO A 31 -2.85 8.80 -2.64
N CYS A 32 -3.18 8.82 -1.35
CA CYS A 32 -2.24 9.25 -0.33
C CYS A 32 -1.29 8.11 0.04
N ALA A 33 -1.62 6.91 -0.41
CA ALA A 33 -0.80 5.74 -0.11
C ALA A 33 -0.28 5.10 -1.40
N SER A 34 0.95 4.61 -1.36
CA SER A 34 1.57 3.98 -2.53
C SER A 34 2.04 2.58 -2.20
N CYS A 35 2.12 1.73 -3.22
CA CYS A 35 2.55 0.36 -3.04
C CYS A 35 4.02 0.29 -2.61
N TYR A 36 4.23 0.15 -1.30
CA TYR A 36 5.58 0.09 -0.74
C TYR A 36 5.92 -1.33 -0.31
N CYS A 37 7.16 -1.73 -0.55
CA CYS A 37 7.62 -3.07 -0.19
C CYS A 37 8.69 -2.99 0.91
N ARG A 38 8.86 -4.10 1.63
CA ARG A 38 9.85 -4.17 2.70
C ARG A 38 10.93 -5.19 2.38
N PHE A 39 11.79 -5.46 3.36
CA PHE A 39 12.87 -6.42 3.17
C PHE A 39 12.39 -7.66 2.45
N PHE A 40 11.35 -8.30 2.99
CA PHE A 40 10.79 -9.50 2.38
C PHE A 40 10.55 -9.30 0.90
N ARG A 41 10.00 -8.14 0.54
CA ARG A 41 9.72 -7.82 -0.85
C ARG A 41 8.73 -8.82 -1.44
N SER A 42 7.99 -9.50 -0.58
CA SER A 42 7.01 -10.49 -1.02
C SER A 42 5.61 -10.10 -0.57
N ALA A 43 5.53 -9.36 0.53
CA ALA A 43 4.24 -8.92 1.06
C ALA A 43 4.18 -7.39 1.14
N CYS A 44 4.10 -6.76 -0.02
CA CYS A 44 4.03 -5.30 -0.08
C CYS A 44 2.63 -4.80 0.29
N TYR A 45 2.55 -3.56 0.77
CA TYR A 45 1.28 -2.97 1.15
C TYR A 45 1.26 -1.48 0.83
N CYS A 46 0.05 -0.92 0.73
CA CYS A 46 -0.11 0.50 0.43
C CYS A 46 0.34 1.36 1.62
N ARG A 47 1.60 1.77 1.59
CA ARG A 47 2.15 2.60 2.66
C ARG A 47 2.19 4.07 2.24
N VAL A 48 1.74 4.94 3.13
CA VAL A 48 1.73 6.37 2.86
C VAL A 48 3.12 6.98 3.02
N LEU A 49 3.98 6.73 2.04
CA LEU A 49 5.34 7.25 2.08
C LEU A 49 5.34 8.77 2.11
N SER A 50 4.21 9.37 1.75
CA SER A 50 4.08 10.83 1.73
C SER A 50 4.08 11.38 3.14
N LEU A 51 3.59 10.59 4.09
CA LEU A 51 3.53 11.00 5.49
C LEU A 51 2.85 12.36 5.62
N ASN A 52 1.68 12.50 5.03
CA ASN A 52 0.93 13.74 5.08
C ASN A 52 -0.53 13.49 5.47
N CYS A 53 -1.10 12.43 4.92
CA CYS A 53 -2.49 12.08 5.20
C CYS A 53 -2.62 11.53 6.63
N CYS A 14 -11.60 -2.01 0.77
CA CYS A 14 -10.25 -2.08 0.25
C CYS A 14 -9.23 -1.88 1.35
N VAL A 15 -7.95 -2.09 1.03
CA VAL A 15 -6.88 -1.93 2.01
C VAL A 15 -6.85 -0.51 2.57
N ALA A 16 -6.84 -0.40 3.88
CA ALA A 16 -6.82 0.90 4.55
C ALA A 16 -5.42 1.51 4.49
N THR A 17 -4.48 0.91 5.21
CA THR A 17 -3.11 1.40 5.23
C THR A 17 -2.15 0.33 5.73
N ARG A 18 -0.94 0.32 5.16
CA ARG A 18 0.07 -0.67 5.55
C ARG A 18 -0.56 -2.02 5.80
N ASN A 19 -1.51 -2.40 4.95
CA ASN A 19 -2.20 -3.68 5.09
C ASN A 19 -1.75 -4.65 4.01
N SER A 20 -2.10 -4.35 2.76
CA SER A 20 -1.73 -5.21 1.64
C SER A 20 -1.80 -4.44 0.33
N CYS A 21 -0.91 -4.78 -0.60
CA CYS A 21 -0.87 -4.12 -1.90
C CYS A 21 -1.65 -4.93 -2.94
N LYS A 22 -0.97 -5.89 -3.56
CA LYS A 22 -1.59 -6.73 -4.58
C LYS A 22 -2.88 -6.11 -5.09
N PRO A 23 -2.75 -4.99 -5.82
CA PRO A 23 -3.89 -4.27 -6.38
C PRO A 23 -4.55 -5.04 -7.52
N ALA A 24 -5.33 -6.06 -7.16
CA ALA A 24 -6.02 -6.87 -8.15
C ALA A 24 -7.13 -6.08 -8.83
N ALA A 25 -7.99 -5.47 -8.03
CA ALA A 25 -9.10 -4.68 -8.55
C ALA A 25 -9.42 -3.51 -7.63
N ALA A 26 -9.41 -3.77 -6.33
CA ALA A 26 -9.71 -2.73 -5.34
C ALA A 26 -9.22 -3.15 -3.95
N ALA A 27 -7.91 -3.20 -3.78
CA ALA A 27 -7.32 -3.59 -2.51
C ALA A 27 -6.09 -2.73 -2.19
N CYS A 28 -6.21 -1.43 -2.37
CA CYS A 28 -5.11 -0.50 -2.11
C CYS A 28 -5.55 0.94 -2.33
N CYS A 29 -6.81 1.22 -2.04
CA CYS A 29 -7.35 2.57 -2.21
C CYS A 29 -6.55 3.58 -1.38
N ASP A 30 -5.74 4.37 -2.07
CA ASP A 30 -4.92 5.39 -1.40
C ASP A 30 -4.11 6.19 -2.42
N PRO A 31 -4.77 7.19 -3.04
CA PRO A 31 -4.13 8.06 -4.04
C PRO A 31 -3.08 8.97 -3.42
N CYS A 32 -2.99 8.96 -2.10
CA CYS A 32 -2.02 9.79 -1.40
C CYS A 32 -0.93 8.94 -0.77
N ALA A 33 -0.98 7.63 -1.01
CA ALA A 33 0.00 6.71 -0.47
C ALA A 33 0.85 6.09 -1.57
N SER A 34 1.65 5.08 -1.21
CA SER A 34 2.50 4.41 -2.17
C SER A 34 2.71 2.95 -1.80
N CYS A 35 2.80 2.08 -2.80
CA CYS A 35 3.00 0.66 -2.57
C CYS A 35 4.34 0.40 -1.91
N TYR A 36 4.34 0.32 -0.58
CA TYR A 36 5.56 0.07 0.17
C TYR A 36 5.86 -1.42 0.25
N CYS A 37 7.13 -1.77 0.04
CA CYS A 37 7.55 -3.17 0.08
C CYS A 37 8.74 -3.35 1.02
N ARG A 38 8.94 -4.58 1.47
CA ARG A 38 10.04 -4.88 2.38
C ARG A 38 10.87 -6.04 1.85
N PHE A 39 11.77 -6.56 2.69
CA PHE A 39 12.63 -7.66 2.32
C PHE A 39 11.89 -8.65 1.42
N PHE A 40 10.78 -9.19 1.94
CA PHE A 40 9.98 -10.15 1.19
C PHE A 40 9.69 -9.65 -0.22
N ARG A 41 9.21 -8.41 -0.31
CA ARG A 41 8.89 -7.81 -1.60
C ARG A 41 7.78 -8.58 -2.30
N SER A 42 7.01 -9.35 -1.53
CA SER A 42 5.92 -10.13 -2.07
C SER A 42 4.60 -9.75 -1.43
N ALA A 43 4.65 -9.36 -0.16
CA ALA A 43 3.46 -8.96 0.57
C ALA A 43 3.47 -7.46 0.86
N CYS A 44 3.69 -6.66 -0.17
CA CYS A 44 3.73 -5.21 -0.03
C CYS A 44 2.40 -4.70 0.52
N TYR A 45 2.37 -3.40 0.83
CA TYR A 45 1.16 -2.78 1.36
C TYR A 45 1.11 -1.29 1.03
N CYS A 46 -0.08 -0.71 1.07
CA CYS A 46 -0.25 0.70 0.76
C CYS A 46 0.19 1.57 1.94
N ARG A 47 1.42 2.05 1.86
CA ARG A 47 1.98 2.89 2.92
C ARG A 47 2.01 4.36 2.47
N VAL A 48 1.54 5.25 3.34
CA VAL A 48 1.52 6.67 3.05
C VAL A 48 2.85 7.33 3.41
N LEU A 49 3.71 7.48 2.42
CA LEU A 49 5.01 8.10 2.63
C LEU A 49 4.97 9.58 2.33
N SER A 50 3.78 10.17 2.44
CA SER A 50 3.60 11.60 2.19
C SER A 50 3.58 12.38 3.49
N LEU A 51 3.00 11.79 4.53
CA LEU A 51 2.90 12.43 5.84
C LEU A 51 2.16 13.76 5.74
N ASN A 52 1.35 13.91 4.69
CA ASN A 52 0.59 15.13 4.48
C ASN A 52 -0.91 14.82 4.41
N CYS A 53 -1.25 13.66 3.87
CA CYS A 53 -2.64 13.25 3.74
C CYS A 53 -3.05 12.35 4.90
N CYS A 14 -11.49 -1.41 0.28
CA CYS A 14 -10.13 -1.48 -0.22
C CYS A 14 -9.13 -1.50 0.94
N VAL A 15 -7.84 -1.50 0.61
CA VAL A 15 -6.79 -1.51 1.61
C VAL A 15 -6.57 -0.12 2.19
N ALA A 16 -6.75 0.01 3.51
CA ALA A 16 -6.56 1.28 4.18
C ALA A 16 -5.11 1.75 4.09
N THR A 17 -4.22 1.03 4.77
CA THR A 17 -2.80 1.36 4.76
C THR A 17 -1.96 0.19 5.25
N ARG A 18 -0.75 0.09 4.73
CA ARG A 18 0.16 -0.99 5.12
C ARG A 18 -0.60 -2.30 5.33
N ASN A 19 -1.54 -2.58 4.43
CA ASN A 19 -2.33 -3.80 4.52
C ASN A 19 -1.88 -4.84 3.51
N SER A 20 -2.12 -4.55 2.22
CA SER A 20 -1.74 -5.45 1.16
C SER A 20 -1.53 -4.69 -0.15
N CYS A 21 -0.57 -5.15 -0.96
CA CYS A 21 -0.27 -4.52 -2.23
C CYS A 21 -0.96 -5.24 -3.38
N LYS A 22 -0.58 -4.90 -4.60
CA LYS A 22 -1.16 -5.52 -5.79
C LYS A 22 -2.60 -5.09 -5.98
N PRO A 23 -2.79 -3.85 -6.45
CA PRO A 23 -4.14 -3.29 -6.68
C PRO A 23 -4.84 -3.95 -7.86
N ALA A 24 -5.18 -5.23 -7.70
CA ALA A 24 -5.86 -5.97 -8.75
C ALA A 24 -7.17 -6.55 -8.26
N ALA A 25 -7.17 -7.03 -7.03
CA ALA A 25 -8.37 -7.62 -6.43
C ALA A 25 -9.26 -6.54 -5.82
N ALA A 26 -8.86 -5.28 -6.00
CA ALA A 26 -9.62 -4.16 -5.47
C ALA A 26 -9.34 -3.95 -3.99
N ALA A 27 -8.06 -3.91 -3.63
CA ALA A 27 -7.66 -3.71 -2.24
C ALA A 27 -6.46 -2.78 -2.14
N CYS A 28 -6.66 -1.52 -2.52
CA CYS A 28 -5.60 -0.52 -2.48
C CYS A 28 -6.07 0.81 -3.06
N CYS A 29 -6.75 1.59 -2.23
CA CYS A 29 -7.26 2.89 -2.65
C CYS A 29 -6.45 4.03 -2.03
N ASP A 30 -6.96 5.25 -2.17
CA ASP A 30 -6.29 6.42 -1.61
C ASP A 30 -5.01 6.74 -2.39
N PRO A 31 -5.06 7.82 -3.19
CA PRO A 31 -3.92 8.25 -4.01
C PRO A 31 -2.79 8.82 -3.16
N CYS A 32 -3.04 8.96 -1.86
CA CYS A 32 -2.04 9.49 -0.94
C CYS A 32 -1.09 8.39 -0.48
N ALA A 33 -1.43 7.15 -0.79
CA ALA A 33 -0.61 6.00 -0.41
C ALA A 33 0.12 5.43 -1.62
N SER A 34 1.13 4.60 -1.36
CA SER A 34 1.91 3.99 -2.43
C SER A 34 2.31 2.57 -2.05
N CYS A 35 2.49 1.72 -3.07
CA CYS A 35 2.87 0.33 -2.85
C CYS A 35 4.31 0.24 -2.36
N TYR A 36 4.49 0.01 -1.07
CA TYR A 36 5.81 -0.10 -0.48
C TYR A 36 6.11 -1.55 -0.07
N CYS A 37 7.37 -1.93 -0.18
CA CYS A 37 7.78 -3.29 0.17
C CYS A 37 8.88 -3.26 1.23
N ARG A 38 9.02 -4.36 1.96
CA ARG A 38 10.03 -4.46 3.01
C ARG A 38 10.97 -5.63 2.74
N PHE A 39 11.79 -5.97 3.74
CA PHE A 39 12.74 -7.06 3.61
C PHE A 39 12.15 -8.20 2.79
N PHE A 40 11.06 -8.78 3.29
CA PHE A 40 10.40 -9.88 2.60
C PHE A 40 10.25 -9.58 1.11
N ARG A 41 9.69 -8.41 0.81
CA ARG A 41 9.48 -8.00 -0.58
C ARG A 41 8.50 -8.93 -1.28
N SER A 42 7.77 -9.71 -0.49
CA SER A 42 6.79 -10.65 -1.04
C SER A 42 5.38 -10.29 -0.58
N ALA A 43 5.29 -9.64 0.57
CA ALA A 43 4.00 -9.24 1.11
C ALA A 43 3.88 -7.72 1.21
N CYS A 44 4.17 -7.05 0.10
CA CYS A 44 4.10 -5.59 0.06
C CYS A 44 2.72 -5.09 0.44
N TYR A 45 2.63 -3.81 0.80
CA TYR A 45 1.36 -3.22 1.20
C TYR A 45 1.31 -1.74 0.83
N CYS A 46 0.10 -1.19 0.75
CA CYS A 46 -0.09 0.21 0.41
C CYS A 46 0.32 1.12 1.57
N ARG A 47 1.59 1.48 1.60
CA ARG A 47 2.11 2.35 2.65
C ARG A 47 2.21 3.80 2.18
N VAL A 48 1.73 4.72 3.01
CA VAL A 48 1.77 6.14 2.67
C VAL A 48 3.13 6.75 2.99
N LEU A 49 3.90 7.02 1.94
CA LEU A 49 5.24 7.60 2.11
C LEU A 49 5.19 9.11 1.90
N SER A 50 4.04 9.71 2.18
CA SER A 50 3.87 11.15 2.01
C SER A 50 4.00 11.87 3.35
N LEU A 51 3.26 11.40 4.35
CA LEU A 51 3.30 11.99 5.68
C LEU A 51 2.86 13.45 5.64
N ASN A 52 2.02 13.78 4.65
CA ASN A 52 1.51 15.14 4.51
C ASN A 52 0.12 15.13 3.87
N CYS A 53 -0.67 14.13 4.21
CA CYS A 53 -2.02 14.00 3.67
C CYS A 53 -3.06 14.41 4.71
N CYS A 14 -11.86 -2.22 -0.23
CA CYS A 14 -10.49 -2.21 -0.74
C CYS A 14 -9.49 -2.35 0.40
N VAL A 15 -8.21 -2.28 0.06
CA VAL A 15 -7.15 -2.40 1.06
C VAL A 15 -6.87 -1.06 1.73
N ALA A 16 -6.65 -1.11 3.04
CA ALA A 16 -6.37 0.10 3.80
C ALA A 16 -4.88 0.44 3.78
N THR A 17 -4.47 1.33 4.67
CA THR A 17 -3.07 1.74 4.76
C THR A 17 -2.18 0.56 5.16
N ARG A 18 -1.06 0.43 4.47
CA ARG A 18 -0.12 -0.65 4.75
C ARG A 18 -0.86 -1.96 5.04
N ASN A 19 -1.94 -2.19 4.29
CA ASN A 19 -2.73 -3.40 4.46
C ASN A 19 -2.19 -4.53 3.59
N SER A 20 -2.30 -4.36 2.27
CA SER A 20 -1.83 -5.36 1.33
C SER A 20 -1.65 -4.76 -0.05
N CYS A 21 -0.62 -5.23 -0.77
CA CYS A 21 -0.34 -4.74 -2.12
C CYS A 21 -1.00 -5.64 -3.17
N LYS A 22 -0.62 -5.43 -4.42
CA LYS A 22 -1.16 -6.22 -5.52
C LYS A 22 -2.64 -5.92 -5.71
N PRO A 23 -2.95 -4.72 -6.23
CA PRO A 23 -4.33 -4.28 -6.48
C PRO A 23 -4.98 -5.05 -7.62
N ALA A 24 -5.45 -6.26 -7.33
CA ALA A 24 -6.10 -7.10 -8.33
C ALA A 24 -7.17 -6.31 -9.09
N ALA A 25 -8.29 -6.06 -8.42
CA ALA A 25 -9.39 -5.31 -9.04
C ALA A 25 -9.55 -3.95 -8.39
N ALA A 26 -9.27 -3.88 -7.09
CA ALA A 26 -9.39 -2.62 -6.35
C ALA A 26 -9.00 -2.80 -4.89
N ALA A 27 -7.75 -3.18 -4.66
CA ALA A 27 -7.25 -3.39 -3.31
C ALA A 27 -6.05 -2.50 -3.02
N CYS A 28 -6.30 -1.19 -2.95
CA CYS A 28 -5.25 -0.22 -2.67
C CYS A 28 -5.80 1.20 -2.67
N CYS A 29 -6.90 1.39 -1.95
CA CYS A 29 -7.53 2.71 -1.87
C CYS A 29 -6.55 3.75 -1.35
N ASP A 30 -7.04 4.97 -1.14
CA ASP A 30 -6.21 6.05 -0.63
C ASP A 30 -5.16 6.45 -1.66
N PRO A 31 -5.44 7.53 -2.41
CA PRO A 31 -4.54 8.03 -3.44
C PRO A 31 -3.29 8.67 -2.85
N CYS A 32 -3.26 8.79 -1.53
CA CYS A 32 -2.12 9.38 -0.84
C CYS A 32 -1.10 8.31 -0.47
N ALA A 33 -1.45 7.05 -0.71
CA ALA A 33 -0.56 5.94 -0.40
C ALA A 33 -0.04 5.28 -1.68
N SER A 34 1.04 4.53 -1.56
CA SER A 34 1.64 3.86 -2.71
C SER A 34 2.11 2.45 -2.32
N CYS A 35 2.21 1.58 -3.31
CA CYS A 35 2.65 0.21 -3.09
C CYS A 35 4.10 0.18 -2.62
N TYR A 36 4.29 -0.01 -1.32
CA TYR A 36 5.63 -0.06 -0.73
C TYR A 36 5.98 -1.48 -0.28
N CYS A 37 7.26 -1.82 -0.37
CA CYS A 37 7.72 -3.14 0.03
C CYS A 37 8.84 -3.03 1.06
N ARG A 38 9.04 -4.10 1.83
CA ARG A 38 10.08 -4.12 2.85
C ARG A 38 11.10 -5.21 2.56
N PHE A 39 12.00 -5.46 3.51
CA PHE A 39 13.03 -6.47 3.35
C PHE A 39 12.45 -7.74 2.71
N PHE A 40 11.45 -8.31 3.36
CA PHE A 40 10.81 -9.51 2.85
C PHE A 40 10.48 -9.38 1.37
N ARG A 41 9.97 -8.22 0.98
CA ARG A 41 9.61 -7.96 -0.41
C ARG A 41 8.46 -8.86 -0.85
N SER A 42 7.77 -9.45 0.12
CA SER A 42 6.64 -10.33 -0.16
C SER A 42 5.36 -9.81 0.48
N ALA A 43 5.52 -9.11 1.60
CA ALA A 43 4.38 -8.55 2.32
C ALA A 43 4.25 -7.05 2.08
N CYS A 44 4.13 -6.68 0.81
CA CYS A 44 4.00 -5.27 0.44
C CYS A 44 2.57 -4.77 0.68
N TYR A 45 2.41 -3.45 0.74
CA TYR A 45 1.11 -2.85 0.97
C TYR A 45 1.12 -1.38 0.58
N CYS A 46 -0.05 -0.75 0.63
CA CYS A 46 -0.19 0.65 0.29
C CYS A 46 0.30 1.55 1.43
N ARG A 47 1.60 1.83 1.44
CA ARG A 47 2.19 2.66 2.48
C ARG A 47 2.33 4.10 2.00
N VAL A 48 1.94 5.04 2.85
CA VAL A 48 2.01 6.46 2.52
C VAL A 48 3.43 6.99 2.69
N LEU A 49 4.12 7.17 1.56
CA LEU A 49 5.49 7.68 1.59
C LEU A 49 5.52 9.18 1.38
N SER A 50 4.42 9.85 1.72
CA SER A 50 4.31 11.29 1.57
C SER A 50 4.56 12.00 2.90
N LEU A 51 4.20 11.31 3.99
CA LEU A 51 4.39 11.87 5.32
C LEU A 51 3.62 13.19 5.47
N ASN A 52 2.57 13.36 4.67
CA ASN A 52 1.77 14.57 4.71
C ASN A 52 0.28 14.23 4.55
N CYS A 53 -0.08 13.00 4.88
CA CYS A 53 -1.46 12.57 4.76
C CYS A 53 -1.88 11.72 5.96
N CYS A 14 -11.76 -2.02 0.15
CA CYS A 14 -10.39 -1.88 -0.35
C CYS A 14 -9.39 -1.88 0.81
N VAL A 15 -8.11 -1.89 0.46
CA VAL A 15 -7.05 -1.89 1.46
C VAL A 15 -6.88 -0.51 2.08
N ALA A 16 -7.12 -0.42 3.39
CA ALA A 16 -7.00 0.85 4.10
C ALA A 16 -5.58 1.39 4.00
N THR A 17 -4.65 0.74 4.68
CA THR A 17 -3.25 1.16 4.67
C THR A 17 -2.33 0.03 5.14
N ARG A 18 -1.11 0.01 4.60
CA ARG A 18 -0.14 -1.01 4.98
C ARG A 18 -0.82 -2.36 5.16
N ASN A 19 -1.74 -2.70 4.26
CA ASN A 19 -2.46 -3.96 4.33
C ASN A 19 -1.95 -4.94 3.28
N SER A 20 -2.21 -4.63 2.01
CA SER A 20 -1.77 -5.47 0.91
C SER A 20 -1.55 -4.66 -0.35
N CYS A 21 -0.56 -5.05 -1.14
CA CYS A 21 -0.24 -4.36 -2.39
C CYS A 21 -0.87 -5.07 -3.58
N LYS A 22 -0.46 -4.68 -4.78
CA LYS A 22 -0.97 -5.27 -6.00
C LYS A 22 -2.48 -5.03 -6.13
N PRO A 23 -2.84 -3.81 -6.57
CA PRO A 23 -4.24 -3.43 -6.74
C PRO A 23 -4.90 -4.16 -7.91
N ALA A 24 -5.10 -5.46 -7.76
CA ALA A 24 -5.72 -6.27 -8.80
C ALA A 24 -7.17 -6.60 -8.46
N ALA A 25 -7.40 -6.96 -7.20
CA ALA A 25 -8.73 -7.31 -6.74
C ALA A 25 -9.49 -6.08 -6.25
N ALA A 26 -8.86 -4.91 -6.42
CA ALA A 26 -9.47 -3.66 -5.99
C ALA A 26 -9.30 -3.44 -4.50
N ALA A 27 -8.06 -3.49 -4.03
CA ALA A 27 -7.76 -3.31 -2.61
C ALA A 27 -6.48 -2.50 -2.42
N CYS A 28 -6.63 -1.18 -2.41
CA CYS A 28 -5.49 -0.29 -2.23
C CYS A 28 -5.92 1.17 -2.28
N CYS A 29 -7.00 1.48 -1.57
CA CYS A 29 -7.53 2.85 -1.54
C CYS A 29 -6.45 3.83 -1.07
N ASP A 30 -6.84 5.10 -0.93
CA ASP A 30 -5.92 6.13 -0.49
C ASP A 30 -4.84 6.39 -1.54
N PRO A 31 -5.17 7.24 -2.52
CA PRO A 31 -4.24 7.60 -3.60
C PRO A 31 -3.06 8.44 -3.12
N CYS A 32 -3.11 8.83 -1.85
CA CYS A 32 -2.05 9.64 -1.26
C CYS A 32 -0.89 8.76 -0.80
N ALA A 33 -1.12 7.46 -0.79
CA ALA A 33 -0.10 6.51 -0.36
C ALA A 33 0.63 5.91 -1.56
N SER A 34 1.45 4.89 -1.30
CA SER A 34 2.20 4.23 -2.35
C SER A 34 2.53 2.79 -1.97
N CYS A 35 2.77 1.95 -2.97
CA CYS A 35 3.10 0.55 -2.74
C CYS A 35 4.51 0.42 -2.16
N TYR A 36 4.58 0.15 -0.87
CA TYR A 36 5.87 0.00 -0.19
C TYR A 36 6.14 -1.46 0.16
N CYS A 37 7.40 -1.86 0.11
CA CYS A 37 7.79 -3.23 0.42
C CYS A 37 8.82 -3.26 1.55
N ARG A 38 8.90 -4.40 2.23
CA ARG A 38 9.84 -4.55 3.34
C ARG A 38 10.90 -5.61 3.01
N PHE A 39 11.71 -5.97 4.00
CA PHE A 39 12.75 -6.96 3.81
C PHE A 39 12.25 -8.13 2.97
N PHE A 40 11.17 -8.75 3.41
CA PHE A 40 10.58 -9.88 2.70
C PHE A 40 10.43 -9.57 1.22
N ARG A 41 9.90 -8.38 0.92
CA ARG A 41 9.69 -7.96 -0.45
C ARG A 41 8.68 -8.86 -1.16
N SER A 42 7.92 -9.63 -0.37
CA SER A 42 6.93 -10.53 -0.91
C SER A 42 5.54 -10.21 -0.38
N ALA A 43 5.49 -9.36 0.65
CA ALA A 43 4.24 -8.96 1.26
C ALA A 43 4.12 -7.44 1.32
N CYS A 44 4.20 -6.79 0.17
CA CYS A 44 4.10 -5.34 0.10
C CYS A 44 2.68 -4.87 0.38
N TYR A 45 2.54 -3.59 0.72
CA TYR A 45 1.23 -3.03 1.04
C TYR A 45 1.21 -1.53 0.75
N CYS A 46 0.01 -0.98 0.61
CA CYS A 46 -0.16 0.44 0.34
C CYS A 46 0.23 1.28 1.56
N ARG A 47 1.50 1.66 1.63
CA ARG A 47 2.00 2.46 2.75
C ARG A 47 2.19 3.92 2.32
N VAL A 48 1.71 4.83 3.16
CA VAL A 48 1.84 6.26 2.88
C VAL A 48 3.26 6.75 3.10
N LEU A 49 4.04 6.80 2.02
CA LEU A 49 5.42 7.26 2.09
C LEU A 49 5.52 8.75 1.81
N SER A 50 4.43 9.47 2.04
CA SER A 50 4.39 10.91 1.81
C SER A 50 4.50 11.67 3.13
N LEU A 51 3.64 11.30 4.09
CA LEU A 51 3.64 11.95 5.39
C LEU A 51 3.30 13.43 5.27
N ASN A 52 2.56 13.77 4.21
CA ASN A 52 2.16 15.16 3.97
C ASN A 52 0.73 15.22 3.44
N CYS A 53 -0.06 14.21 3.74
CA CYS A 53 -1.44 14.15 3.30
C CYS A 53 -2.39 14.16 4.50
N CYS A 14 -11.53 -1.43 0.35
CA CYS A 14 -10.16 -1.50 -0.14
C CYS A 14 -9.17 -1.54 1.02
N VAL A 15 -7.88 -1.58 0.70
CA VAL A 15 -6.85 -1.62 1.72
C VAL A 15 -6.62 -0.24 2.33
N ALA A 16 -6.84 -0.15 3.64
CA ALA A 16 -6.67 1.12 4.36
C ALA A 16 -5.22 1.61 4.26
N THR A 17 -4.33 0.93 4.95
CA THR A 17 -2.91 1.29 4.95
C THR A 17 -2.05 0.14 5.45
N ARG A 18 -0.83 0.04 4.91
CA ARG A 18 0.09 -1.02 5.30
C ARG A 18 -0.65 -2.33 5.52
N ASN A 19 -1.60 -2.63 4.65
CA ASN A 19 -2.38 -3.86 4.74
C ASN A 19 -1.96 -4.86 3.68
N SER A 20 -2.06 -4.46 2.42
CA SER A 20 -1.69 -5.32 1.31
C SER A 20 -1.72 -4.56 -0.01
N CYS A 21 -0.76 -4.87 -0.88
CA CYS A 21 -0.67 -4.20 -2.18
C CYS A 21 -1.55 -4.91 -3.22
N LYS A 22 -0.98 -5.91 -3.88
CA LYS A 22 -1.69 -6.67 -4.90
C LYS A 22 -2.82 -5.83 -5.50
N PRO A 23 -2.45 -4.74 -6.17
CA PRO A 23 -3.42 -3.84 -6.81
C PRO A 23 -4.08 -4.47 -8.02
N ALA A 24 -4.99 -5.41 -7.77
CA ALA A 24 -5.71 -6.10 -8.84
C ALA A 24 -7.15 -6.39 -8.44
N ALA A 25 -7.33 -6.86 -7.21
CA ALA A 25 -8.66 -7.18 -6.69
C ALA A 25 -9.33 -5.94 -6.11
N ALA A 26 -8.69 -4.80 -6.25
CA ALA A 26 -9.22 -3.54 -5.74
C ALA A 26 -8.98 -3.41 -4.24
N ALA A 27 -7.71 -3.49 -3.84
CA ALA A 27 -7.34 -3.38 -2.43
C ALA A 27 -6.09 -2.54 -2.27
N CYS A 28 -6.18 -1.26 -2.64
CA CYS A 28 -5.06 -0.34 -2.53
C CYS A 28 -5.49 1.09 -2.87
N CYS A 29 -6.72 1.43 -2.50
CA CYS A 29 -7.24 2.77 -2.77
C CYS A 29 -6.40 3.83 -2.07
N ASP A 30 -6.93 5.05 -2.03
CA ASP A 30 -6.22 6.17 -1.40
C ASP A 30 -5.00 6.57 -2.22
N PRO A 31 -5.16 7.63 -3.02
CA PRO A 31 -4.08 8.15 -3.87
C PRO A 31 -2.98 8.82 -3.06
N CYS A 32 -3.20 8.94 -1.75
CA CYS A 32 -2.22 9.56 -0.87
C CYS A 32 -1.19 8.53 -0.40
N ALA A 33 -1.47 7.26 -0.67
CA ALA A 33 -0.57 6.18 -0.28
C ALA A 33 0.21 5.65 -1.48
N SER A 34 1.16 4.77 -1.21
CA SER A 34 1.98 4.18 -2.27
C SER A 34 2.37 2.75 -1.92
N CYS A 35 2.45 1.91 -2.95
CA CYS A 35 2.82 0.51 -2.75
C CYS A 35 4.27 0.38 -2.30
N TYR A 36 4.46 0.17 -1.00
CA TYR A 36 5.79 0.04 -0.43
C TYR A 36 6.06 -1.41 -0.03
N CYS A 37 7.29 -1.85 -0.25
CA CYS A 37 7.69 -3.22 0.10
C CYS A 37 8.77 -3.22 1.18
N ARG A 38 8.90 -4.34 1.88
CA ARG A 38 9.88 -4.47 2.94
C ARG A 38 10.94 -5.51 2.58
N PHE A 39 11.79 -5.84 3.55
CA PHE A 39 12.84 -6.83 3.33
C PHE A 39 12.32 -8.02 2.53
N PHE A 40 11.27 -8.65 3.03
CA PHE A 40 10.68 -9.80 2.36
C PHE A 40 10.45 -9.51 0.88
N ARG A 41 9.88 -8.34 0.59
CA ARG A 41 9.62 -7.95 -0.78
C ARG A 41 8.61 -8.89 -1.43
N SER A 42 7.91 -9.65 -0.61
CA SER A 42 6.91 -10.60 -1.09
C SER A 42 5.52 -10.24 -0.58
N ALA A 43 5.47 -9.44 0.47
CA ALA A 43 4.21 -9.02 1.07
C ALA A 43 4.12 -7.50 1.15
N CYS A 44 4.14 -6.84 0.00
CA CYS A 44 4.07 -5.39 -0.06
C CYS A 44 2.68 -4.90 0.35
N TYR A 45 2.61 -3.65 0.78
CA TYR A 45 1.33 -3.06 1.20
C TYR A 45 1.29 -1.57 0.87
N CYS A 46 0.08 -1.03 0.79
CA CYS A 46 -0.10 0.38 0.48
C CYS A 46 0.32 1.26 1.66
N ARG A 47 1.59 1.66 1.66
CA ARG A 47 2.12 2.50 2.74
C ARG A 47 2.22 3.96 2.29
N VAL A 48 1.75 4.86 3.14
CA VAL A 48 1.79 6.29 2.84
C VAL A 48 3.15 6.88 3.18
N LEU A 49 4.02 6.98 2.17
CA LEU A 49 5.35 7.53 2.37
C LEU A 49 5.36 9.03 2.05
N SER A 50 4.27 9.71 2.38
CA SER A 50 4.16 11.14 2.13
C SER A 50 4.32 11.93 3.43
N LEU A 51 3.69 11.43 4.49
CA LEU A 51 3.75 12.08 5.79
C LEU A 51 3.17 13.49 5.72
N ASN A 52 2.33 13.73 4.71
CA ASN A 52 1.70 15.04 4.54
C ASN A 52 0.19 14.92 4.56
N CYS A 53 -0.33 13.80 4.06
CA CYS A 53 -1.76 13.56 4.03
C CYS A 53 -2.29 13.19 5.40
N CYS A 14 -11.52 -1.28 0.13
CA CYS A 14 -10.12 -1.36 -0.29
C CYS A 14 -9.19 -1.38 0.91
N VAL A 15 -7.89 -1.38 0.64
CA VAL A 15 -6.88 -1.40 1.69
C VAL A 15 -6.70 -0.02 2.31
N ALA A 16 -6.85 0.07 3.62
CA ALA A 16 -6.69 1.34 4.32
C ALA A 16 -5.24 1.85 4.24
N THR A 17 -4.35 1.16 4.93
CA THR A 17 -2.94 1.53 4.93
C THR A 17 -2.06 0.40 5.44
N ARG A 18 -0.86 0.28 4.87
CA ARG A 18 0.07 -0.77 5.27
C ARG A 18 -0.67 -2.08 5.51
N ASN A 19 -1.65 -2.37 4.66
CA ASN A 19 -2.42 -3.60 4.78
C ASN A 19 -2.00 -4.62 3.73
N SER A 20 -2.27 -4.30 2.47
CA SER A 20 -1.93 -5.19 1.36
C SER A 20 -1.78 -4.41 0.06
N CYS A 21 -0.85 -4.84 -0.78
CA CYS A 21 -0.61 -4.19 -2.06
C CYS A 21 -1.32 -4.93 -3.19
N LYS A 22 -0.63 -5.90 -3.79
CA LYS A 22 -1.20 -6.68 -4.88
C LYS A 22 -2.51 -6.07 -5.37
N PRO A 23 -2.39 -4.98 -6.15
CA PRO A 23 -3.55 -4.28 -6.71
C PRO A 23 -4.27 -5.09 -7.77
N ALA A 24 -4.88 -6.21 -7.36
CA ALA A 24 -5.60 -7.08 -8.28
C ALA A 24 -7.07 -7.17 -7.91
N ALA A 25 -7.34 -7.45 -6.64
CA ALA A 25 -8.71 -7.57 -6.15
C ALA A 25 -9.28 -6.20 -5.80
N ALA A 26 -8.51 -5.15 -6.06
CA ALA A 26 -8.94 -3.79 -5.77
C ALA A 26 -8.81 -3.48 -4.28
N ALA A 27 -7.60 -3.67 -3.75
CA ALA A 27 -7.34 -3.40 -2.34
C ALA A 27 -6.08 -2.56 -2.16
N CYS A 28 -6.12 -1.32 -2.65
CA CYS A 28 -4.99 -0.42 -2.55
C CYS A 28 -5.39 1.00 -2.95
N CYS A 29 -6.63 1.38 -2.65
CA CYS A 29 -7.13 2.70 -2.97
C CYS A 29 -6.32 3.78 -2.26
N ASP A 30 -6.84 5.00 -2.25
CA ASP A 30 -6.16 6.12 -1.61
C ASP A 30 -4.92 6.53 -2.38
N PRO A 31 -5.04 7.59 -3.18
CA PRO A 31 -3.94 8.10 -4.01
C PRO A 31 -2.84 8.74 -3.16
N CYS A 32 -3.10 8.86 -1.86
CA CYS A 32 -2.14 9.46 -0.94
C CYS A 32 -1.13 8.41 -0.46
N ALA A 33 -1.41 7.16 -0.75
CA ALA A 33 -0.53 6.06 -0.35
C ALA A 33 0.10 5.38 -1.56
N SER A 34 1.22 4.72 -1.34
CA SER A 34 1.93 4.03 -2.42
C SER A 34 2.28 2.60 -2.02
N CYS A 35 2.31 1.70 -3.00
CA CYS A 35 2.64 0.31 -2.74
C CYS A 35 4.11 0.16 -2.33
N TYR A 36 4.35 0.09 -1.02
CA TYR A 36 5.70 -0.06 -0.50
C TYR A 36 5.99 -1.51 -0.13
N CYS A 37 7.22 -1.93 -0.35
CA CYS A 37 7.64 -3.30 -0.03
C CYS A 37 8.77 -3.29 1.00
N ARG A 38 8.91 -4.42 1.71
CA ARG A 38 9.94 -4.55 2.73
C ARG A 38 10.96 -5.61 2.33
N PHE A 39 11.85 -5.95 3.26
CA PHE A 39 12.87 -6.96 3.01
C PHE A 39 12.30 -8.14 2.23
N PHE A 40 11.26 -8.76 2.81
CA PHE A 40 10.62 -9.90 2.18
C PHE A 40 10.32 -9.62 0.70
N ARG A 41 9.77 -8.44 0.43
CA ARG A 41 9.44 -8.06 -0.94
C ARG A 41 8.37 -8.98 -1.52
N SER A 42 7.67 -9.70 -0.65
CA SER A 42 6.63 -10.62 -1.08
C SER A 42 5.27 -10.20 -0.53
N ALA A 43 5.30 -9.46 0.57
CA ALA A 43 4.06 -8.99 1.20
C ALA A 43 4.03 -7.47 1.28
N CYS A 44 3.93 -6.84 0.11
CA CYS A 44 3.89 -5.38 0.04
C CYS A 44 2.51 -4.85 0.45
N TYR A 45 2.47 -3.60 0.86
CA TYR A 45 1.22 -2.97 1.27
C TYR A 45 1.20 -1.48 0.92
N CYS A 46 0.00 -0.92 0.82
CA CYS A 46 -0.15 0.49 0.49
C CYS A 46 0.26 1.37 1.67
N ARG A 47 1.52 1.78 1.69
CA ARG A 47 2.04 2.62 2.75
C ARG A 47 2.23 4.07 2.26
N VAL A 48 1.75 5.02 3.06
CA VAL A 48 1.86 6.42 2.70
C VAL A 48 3.26 6.97 3.03
N LEU A 49 3.97 7.39 1.99
CA LEU A 49 5.31 7.92 2.16
C LEU A 49 5.33 9.44 1.96
N SER A 50 4.17 10.07 2.18
CA SER A 50 4.05 11.51 2.02
C SER A 50 4.13 12.22 3.38
N LEU A 51 3.61 11.56 4.41
CA LEU A 51 3.62 12.12 5.75
C LEU A 51 2.89 13.45 5.79
N ASN A 52 1.97 13.65 4.85
CA ASN A 52 1.20 14.88 4.79
C ASN A 52 -0.30 14.60 4.87
N CYS A 53 -0.71 13.47 4.29
CA CYS A 53 -2.12 13.08 4.30
C CYS A 53 -2.49 12.42 5.63
N CYS A 14 -12.02 -2.47 0.18
CA CYS A 14 -10.64 -2.38 -0.31
C CYS A 14 -9.66 -2.26 0.84
N VAL A 15 -8.37 -2.15 0.50
CA VAL A 15 -7.33 -2.04 1.51
C VAL A 15 -7.22 -0.60 2.04
N ALA A 16 -7.26 -0.46 3.35
CA ALA A 16 -7.17 0.85 3.98
C ALA A 16 -5.75 1.40 3.90
N THR A 17 -4.83 0.76 4.60
CA THR A 17 -3.43 1.19 4.60
C THR A 17 -2.52 0.08 5.12
N ARG A 18 -1.29 0.06 4.61
CA ARG A 18 -0.32 -0.95 5.02
C ARG A 18 -0.99 -2.31 5.21
N ASN A 19 -1.91 -2.64 4.31
CA ASN A 19 -2.62 -3.90 4.38
C ASN A 19 -2.13 -4.87 3.30
N SER A 20 -2.16 -4.43 2.05
CA SER A 20 -1.72 -5.25 0.94
C SER A 20 -1.65 -4.43 -0.34
N CYS A 21 -0.69 -4.77 -1.21
CA CYS A 21 -0.51 -4.07 -2.48
C CYS A 21 -1.08 -4.88 -3.64
N LYS A 22 -0.65 -4.56 -4.84
CA LYS A 22 -1.10 -5.26 -6.04
C LYS A 22 -2.59 -5.03 -6.26
N PRO A 23 -2.93 -3.86 -6.84
CA PRO A 23 -4.32 -3.50 -7.13
C PRO A 23 -4.93 -4.33 -8.24
N ALA A 24 -5.21 -5.60 -7.95
CA ALA A 24 -5.79 -6.50 -8.92
C ALA A 24 -7.21 -6.89 -8.52
N ALA A 25 -7.41 -7.15 -7.23
CA ALA A 25 -8.72 -7.54 -6.72
C ALA A 25 -9.50 -6.34 -6.22
N ALA A 26 -8.91 -5.15 -6.38
CA ALA A 26 -9.54 -3.92 -5.94
C ALA A 26 -9.38 -3.72 -4.44
N ALA A 27 -8.14 -3.73 -3.98
CA ALA A 27 -7.84 -3.55 -2.56
C ALA A 27 -6.56 -2.76 -2.37
N CYS A 28 -6.68 -1.44 -2.36
CA CYS A 28 -5.53 -0.55 -2.18
C CYS A 28 -5.95 0.91 -2.22
N CYS A 29 -7.15 1.19 -1.72
CA CYS A 29 -7.67 2.55 -1.70
C CYS A 29 -7.01 3.37 -0.60
N ASP A 30 -6.28 4.41 -0.99
CA ASP A 30 -5.60 5.27 -0.02
C ASP A 30 -4.97 6.48 -0.73
N PRO A 31 -5.45 7.68 -0.37
CA PRO A 31 -4.95 8.93 -0.95
C PRO A 31 -3.52 9.25 -0.51
N CYS A 32 -2.68 9.64 -1.45
CA CYS A 32 -1.30 9.98 -1.15
C CYS A 32 -0.52 8.74 -0.73
N ALA A 33 -1.09 7.57 -0.99
CA ALA A 33 -0.45 6.31 -0.63
C ALA A 33 0.44 5.81 -1.77
N SER A 34 1.32 4.87 -1.45
CA SER A 34 2.23 4.31 -2.44
C SER A 34 2.63 2.89 -2.08
N CYS A 35 2.86 2.06 -3.10
CA CYS A 35 3.24 0.67 -2.90
C CYS A 35 4.60 0.58 -2.20
N TYR A 36 4.58 0.23 -0.93
CA TYR A 36 5.81 0.10 -0.16
C TYR A 36 6.09 -1.36 0.19
N CYS A 37 7.37 -1.72 0.23
CA CYS A 37 7.77 -3.08 0.56
C CYS A 37 8.70 -3.11 1.76
N ARG A 38 8.76 -4.25 2.43
CA ARG A 38 9.61 -4.41 3.61
C ARG A 38 10.72 -5.43 3.35
N PHE A 39 11.44 -5.78 4.41
CA PHE A 39 12.53 -6.75 4.30
C PHE A 39 12.13 -7.92 3.40
N PHE A 40 11.02 -8.56 3.73
CA PHE A 40 10.53 -9.70 2.95
C PHE A 40 10.50 -9.36 1.46
N ARG A 41 9.98 -8.18 1.14
CA ARG A 41 9.88 -7.74 -0.24
C ARG A 41 8.96 -8.65 -1.05
N SER A 42 8.16 -9.44 -0.34
CA SER A 42 7.24 -10.36 -0.99
C SER A 42 5.80 -10.06 -0.59
N ALA A 43 5.64 -9.23 0.43
CA ALA A 43 4.31 -8.85 0.92
C ALA A 43 4.19 -7.34 1.06
N CYS A 44 4.25 -6.64 -0.07
CA CYS A 44 4.14 -5.18 -0.07
C CYS A 44 2.70 -4.74 0.20
N TYR A 45 2.56 -3.52 0.71
CA TYR A 45 1.24 -2.98 1.02
C TYR A 45 1.17 -1.49 0.70
N CYS A 46 -0.06 -0.98 0.59
CA CYS A 46 -0.26 0.44 0.29
C CYS A 46 0.11 1.30 1.48
N ARG A 47 1.35 1.81 1.48
CA ARG A 47 1.83 2.66 2.56
C ARG A 47 2.12 4.06 2.06
N VAL A 48 1.63 5.06 2.80
CA VAL A 48 1.84 6.46 2.43
C VAL A 48 3.26 6.90 2.72
N LEU A 49 4.10 6.88 1.69
CA LEU A 49 5.50 7.29 1.85
C LEU A 49 5.68 8.77 1.52
N SER A 50 4.71 9.58 1.94
CA SER A 50 4.76 11.02 1.69
C SER A 50 5.06 11.78 2.99
N LEU A 51 4.43 11.35 4.08
CA LEU A 51 4.63 11.99 5.37
C LEU A 51 4.15 13.44 5.34
N ASN A 52 3.35 13.77 4.33
CA ASN A 52 2.81 15.12 4.19
C ASN A 52 1.29 15.11 4.21
N CYS A 53 0.71 14.02 3.70
CA CYS A 53 -0.74 13.89 3.65
C CYS A 53 -1.26 13.16 4.89
#